data_8F8Y
#
_entry.id   8F8Y
#
_cell.length_a   74.406
_cell.length_b   84.065
_cell.length_c   105.215
_cell.angle_alpha   90.000
_cell.angle_beta   103.990
_cell.angle_gamma   90.000
#
_symmetry.space_group_name_H-M   'P 1 21 1'
#
loop_
_entity.id
_entity.type
_entity.pdbx_description
1 polymer 'Lysine-specific demethylase PHF2'
2 polymer 'Serine/threonine-protein kinase VRK1 N-terminus peptide'
3 non-polymer 'ZINC ION'
4 non-polymer 'SULFATE ION'
5 non-polymer 1,2-ETHANEDIOL
6 water water
#
loop_
_entity_poly.entity_id
_entity_poly.type
_entity_poly.pdbx_seq_one_letter_code
_entity_poly.pdbx_strand_id
1 'polypeptide(L)'
;GSINMATVPVYCVCRLPYDVTRFMIECDACKDWFHGSCVGVEEEEAPDIDIYHCPNCEKTHGKSTLKKKRTWHKHGPGQA
PDVKPVQNGSQLFIKELRSRTFPSAEDVVARVPGSQLTLGYMEEHGFTEPILVPKKDGLGLAVPAPTFYVSDVENYVGPE
RSVDVTDVTKQKDCKMKLKEFVDYYYSTNRKRVLNVTNLEFSDTRMSSFVEPPDIVKKLSWVENYWPDDALLAKPKVTKY
CLICVKDSYTDFHIDSGGASAWYHVLKGEKTFYLIRPASANISLYERWRSASNHSEMFFADQVDKCYKCIVKQGQTLFIP
SGWIYATLTPVDCLAFAGHFLHSLSVEMQMRAYEVERRLKLGSLTQFPNFETACWYMGKHLLEAFKGSHKSGKQLPPHLV
QGAKILNGAFRSWTKKQALAEHEDELPEHFKPSQLIKDLAKEIRLSENASKAVRP
;
A,B
2 'polypeptide(L)' PRV(M3L)AAQAGRQS E,F
#
loop_
_chem_comp.id
_chem_comp.type
_chem_comp.name
_chem_comp.formula
EDO non-polymer 1,2-ETHANEDIOL 'C2 H6 O2'
SO4 non-polymer 'SULFATE ION' 'O4 S -2'
ZN non-polymer 'ZINC ION' 'Zn 2'
#
# COMPACT_ATOMS: atom_id res chain seq x y z
N ASN A 4 -3.33 -17.13 -1.01
CA ASN A 4 -4.28 -17.06 -2.12
C ASN A 4 -3.98 -15.84 -2.99
N MET A 5 -2.81 -15.87 -3.62
CA MET A 5 -2.27 -14.71 -4.32
C MET A 5 -3.11 -14.35 -5.55
N ALA A 6 -2.91 -13.13 -6.03
CA ALA A 6 -3.51 -12.65 -7.26
C ALA A 6 -2.49 -11.77 -7.99
N THR A 7 -2.87 -11.29 -9.17
CA THR A 7 -1.98 -10.52 -10.03
C THR A 7 -2.40 -9.06 -10.02
N VAL A 8 -1.45 -8.17 -9.74
CA VAL A 8 -1.71 -6.74 -9.67
C VAL A 8 -0.61 -6.01 -10.44
N PRO A 9 -0.89 -4.80 -10.92
CA PRO A 9 0.15 -4.02 -11.59
C PRO A 9 1.24 -3.59 -10.63
N VAL A 10 2.44 -3.40 -11.19
CA VAL A 10 3.60 -2.90 -10.45
C VAL A 10 4.16 -1.70 -11.19
N TYR A 11 4.85 -0.84 -10.44
CA TYR A 11 5.34 0.43 -10.98
C TYR A 11 6.80 0.62 -10.63
N CYS A 12 7.39 1.67 -11.22
CA CYS A 12 8.75 2.11 -10.94
C CYS A 12 9.80 1.07 -11.32
N VAL A 13 11.06 1.40 -11.06
CA VAL A 13 12.15 0.46 -11.37
C VAL A 13 12.09 -0.75 -10.44
N CYS A 14 11.71 -0.53 -9.18
CA CYS A 14 11.65 -1.62 -8.21
C CYS A 14 10.55 -2.63 -8.50
N ARG A 15 9.64 -2.32 -9.44
CA ARG A 15 8.58 -3.24 -9.85
C ARG A 15 7.73 -3.68 -8.66
N LEU A 16 7.33 -2.70 -7.85
CA LEU A 16 6.49 -2.94 -6.69
C LEU A 16 5.08 -2.40 -6.93
N PRO A 17 4.08 -2.96 -6.26
CA PRO A 17 2.72 -2.42 -6.37
C PRO A 17 2.66 -1.00 -5.81
N TYR A 18 1.61 -0.29 -6.17
CA TYR A 18 1.48 1.10 -5.76
C TYR A 18 1.43 1.22 -4.24
N ASP A 19 2.12 2.23 -3.73
CA ASP A 19 2.18 2.51 -2.30
C ASP A 19 1.56 3.89 -2.06
N VAL A 20 0.45 3.92 -1.33
CA VAL A 20 -0.27 5.17 -1.12
C VAL A 20 0.54 6.12 -0.26
N THR A 21 1.50 5.61 0.50
CA THR A 21 2.29 6.45 1.39
C THR A 21 3.59 6.94 0.75
N ARG A 22 3.81 6.64 -0.53
CA ARG A 22 5.05 7.02 -1.20
C ARG A 22 4.74 7.94 -2.37
N PHE A 23 5.44 9.07 -2.43
CA PHE A 23 5.26 10.03 -3.51
C PHE A 23 5.82 9.47 -4.81
N MET A 24 5.04 9.57 -5.88
CA MET A 24 5.44 9.06 -7.19
C MET A 24 5.21 10.12 -8.25
N ILE A 25 6.04 10.07 -9.30
CA ILE A 25 5.94 10.97 -10.44
C ILE A 25 5.99 10.14 -11.72
N GLU A 26 5.14 10.51 -12.68
CA GLU A 26 5.00 9.74 -13.92
C GLU A 26 5.94 10.29 -14.98
N CYS A 27 6.70 9.41 -15.63
CA CYS A 27 7.52 9.80 -16.75
C CYS A 27 6.63 10.11 -17.95
N ASP A 28 6.90 11.25 -18.61
CA ASP A 28 6.06 11.68 -19.72
C ASP A 28 6.25 10.82 -20.96
N ALA A 29 7.36 10.08 -21.05
CA ALA A 29 7.66 9.29 -22.24
C ALA A 29 7.07 7.88 -22.16
N CYS A 30 7.46 7.12 -21.14
CA CYS A 30 7.00 5.74 -20.99
C CYS A 30 5.69 5.62 -20.22
N LYS A 31 5.15 6.74 -19.72
CA LYS A 31 3.85 6.76 -19.04
C LYS A 31 3.83 5.85 -17.81
N ASP A 32 4.98 5.60 -17.20
CA ASP A 32 5.08 4.78 -16.01
C ASP A 32 5.39 5.67 -14.81
N TRP A 33 4.83 5.30 -13.66
CA TRP A 33 5.04 6.05 -12.42
C TRP A 33 6.25 5.49 -11.67
N PHE A 34 7.06 6.39 -11.14
CA PHE A 34 8.27 6.03 -10.42
C PHE A 34 8.25 6.65 -9.03
N HIS A 35 8.68 5.89 -8.03
CA HIS A 35 8.77 6.42 -6.68
C HIS A 35 9.72 7.61 -6.65
N GLY A 36 9.33 8.65 -5.92
CA GLY A 36 10.16 9.83 -5.82
C GLY A 36 11.51 9.54 -5.20
N SER A 37 11.53 8.71 -4.15
CA SER A 37 12.80 8.33 -3.52
C SER A 37 13.64 7.47 -4.45
N CYS A 38 13.00 6.61 -5.25
CA CYS A 38 13.75 5.72 -6.13
C CYS A 38 14.51 6.49 -7.21
N VAL A 39 13.89 7.52 -7.78
CA VAL A 39 14.48 8.25 -8.90
C VAL A 39 15.05 9.60 -8.45
N GLY A 40 15.21 9.82 -7.15
CA GLY A 40 15.80 11.05 -6.66
C GLY A 40 15.00 12.29 -6.97
N VAL A 41 13.67 12.22 -6.84
CA VAL A 41 12.79 13.35 -7.04
C VAL A 41 12.02 13.58 -5.75
N GLU A 42 12.16 14.76 -5.17
CA GLU A 42 11.46 15.09 -3.93
C GLU A 42 10.16 15.78 -4.24
N GLU A 43 9.15 15.51 -3.41
CA GLU A 43 7.81 16.05 -3.65
C GLU A 43 7.80 17.57 -3.62
N GLU A 44 8.70 18.18 -2.84
CA GLU A 44 8.78 19.64 -2.81
C GLU A 44 9.23 20.21 -4.16
N GLU A 45 10.18 19.54 -4.81
CA GLU A 45 10.73 20.03 -6.08
C GLU A 45 9.94 19.58 -7.29
N ALA A 46 8.90 18.77 -7.10
CA ALA A 46 8.10 18.29 -8.23
C ALA A 46 7.44 19.41 -9.04
N PRO A 47 6.81 20.42 -8.43
CA PRO A 47 6.14 21.44 -9.27
C PRO A 47 7.08 22.21 -10.18
N ASP A 48 8.37 22.31 -9.84
CA ASP A 48 9.31 23.05 -10.67
C ASP A 48 9.57 22.38 -12.01
N ILE A 49 9.26 21.10 -12.14
CA ILE A 49 9.49 20.36 -13.37
C ILE A 49 8.38 20.66 -14.36
N ASP A 50 8.74 20.79 -15.64
CA ASP A 50 7.76 20.94 -16.72
C ASP A 50 7.49 19.62 -17.40
N ILE A 51 8.52 18.96 -17.92
CA ILE A 51 8.44 17.62 -18.47
C ILE A 51 9.43 16.75 -17.71
N TYR A 52 8.97 15.61 -17.22
CA TYR A 52 9.83 14.68 -16.49
C TYR A 52 10.09 13.44 -17.34
N HIS A 53 11.36 13.05 -17.41
CA HIS A 53 11.77 11.81 -18.06
C HIS A 53 12.62 11.00 -17.09
N CYS A 54 12.30 9.71 -16.96
CA CYS A 54 13.08 8.83 -16.12
C CYS A 54 14.45 8.59 -16.76
N PRO A 55 15.45 8.19 -15.96
CA PRO A 55 16.81 8.03 -16.52
C PRO A 55 16.89 7.11 -17.73
N ASN A 56 16.10 6.03 -17.75
CA ASN A 56 16.07 5.18 -18.92
C ASN A 56 15.55 5.92 -20.14
N CYS A 57 14.49 6.72 -19.96
CA CYS A 57 13.96 7.51 -21.06
C CYS A 57 14.82 8.73 -21.38
N GLU A 58 15.54 9.26 -20.38
CA GLU A 58 16.43 10.38 -20.63
C GLU A 58 17.57 10.02 -21.59
N LYS A 59 17.89 8.72 -21.68
CA LYS A 59 18.97 8.30 -22.58
C LYS A 59 18.64 8.60 -24.03
N THR A 60 17.38 8.45 -24.42
CA THR A 60 16.95 8.63 -25.80
C THR A 60 16.05 9.84 -26.02
N HIS A 61 15.14 10.13 -25.09
CA HIS A 61 14.14 11.17 -25.28
C HIS A 61 14.53 12.52 -24.70
N GLY A 62 15.76 12.64 -24.18
CA GLY A 62 16.24 13.90 -23.66
C GLY A 62 15.98 14.05 -22.17
N LYS A 63 16.72 14.97 -21.57
CA LYS A 63 16.62 15.21 -20.13
C LYS A 63 15.31 15.92 -19.79
N SER A 64 14.96 15.86 -18.51
CA SER A 64 13.73 16.48 -18.04
C SER A 64 13.79 17.99 -18.22
N THR A 65 12.64 18.57 -18.58
CA THR A 65 12.51 20.02 -18.70
C THR A 65 12.30 20.59 -17.31
N LEU A 66 13.40 20.66 -16.55
CA LEU A 66 13.34 21.16 -15.18
C LEU A 66 13.37 22.69 -15.16
N LYS A 67 12.49 23.31 -15.94
CA LYS A 67 12.37 24.77 -15.96
C LYS A 67 10.96 25.11 -16.44
N LYS A 68 10.07 25.42 -15.51
CA LYS A 68 8.70 25.76 -15.84
C LYS A 68 8.52 27.27 -16.08
N LYS A 69 9.57 28.06 -15.88
CA LYS A 69 9.54 29.50 -16.10
C LYS A 69 8.43 30.18 -15.31
N SER A 90 -15.70 28.32 -1.16
CA SER A 90 -16.75 27.41 -0.73
C SER A 90 -16.30 26.58 0.47
N GLN A 91 -15.12 26.90 0.99
CA GLN A 91 -14.62 26.19 2.16
C GLN A 91 -15.51 26.40 3.37
N LEU A 92 -15.99 27.63 3.57
CA LEU A 92 -16.93 27.90 4.65
C LEU A 92 -18.24 27.17 4.45
N PHE A 93 -18.67 27.00 3.19
CA PHE A 93 -19.89 26.25 2.92
C PHE A 93 -19.77 24.81 3.36
N ILE A 94 -18.61 24.19 3.13
CA ILE A 94 -18.37 22.83 3.60
C ILE A 94 -18.38 22.79 5.12
N LYS A 95 -17.78 23.80 5.75
CA LYS A 95 -17.85 23.92 7.20
C LYS A 95 -19.28 24.17 7.68
N GLU A 96 -20.14 24.73 6.81
CA GLU A 96 -21.55 24.90 7.14
C GLU A 96 -22.36 23.63 6.96
N LEU A 97 -21.75 22.57 6.43
CA LEU A 97 -22.44 21.30 6.22
C LEU A 97 -22.32 20.38 7.42
N ARG A 98 -21.14 20.31 8.04
CA ARG A 98 -20.98 19.58 9.28
C ARG A 98 -21.30 20.43 10.51
N SER A 99 -21.54 21.72 10.33
CA SER A 99 -22.03 22.54 11.44
C SER A 99 -23.42 22.10 11.88
N ARG A 100 -24.21 21.54 10.96
CA ARG A 100 -25.53 21.05 11.28
C ARG A 100 -25.47 19.62 11.80
N THR A 101 -26.52 19.23 12.51
CA THR A 101 -26.65 17.89 13.07
C THR A 101 -27.82 17.20 12.38
N PHE A 102 -27.53 16.59 11.22
CA PHE A 102 -28.55 15.88 10.48
C PHE A 102 -28.81 14.50 11.10
N PRO A 103 -30.02 13.98 10.98
CA PRO A 103 -30.29 12.63 11.47
C PRO A 103 -29.58 11.58 10.62
N SER A 104 -29.29 10.45 11.26
CA SER A 104 -28.65 9.34 10.55
C SER A 104 -29.62 8.71 9.57
N ALA A 105 -29.07 8.09 8.53
CA ALA A 105 -29.88 7.47 7.49
C ALA A 105 -30.42 6.10 7.90
N GLU A 106 -29.99 5.57 9.04
CA GLU A 106 -30.46 4.24 9.47
C GLU A 106 -31.96 4.21 9.68
N ASP A 107 -32.60 5.35 9.93
CA ASP A 107 -34.04 5.38 10.12
C ASP A 107 -34.79 5.08 8.83
N VAL A 108 -34.26 5.53 7.68
CA VAL A 108 -34.94 5.39 6.40
C VAL A 108 -34.18 4.49 5.44
N VAL A 109 -32.85 4.58 5.41
CA VAL A 109 -32.06 3.80 4.48
C VAL A 109 -31.85 2.40 5.03
N ALA A 110 -32.29 1.39 4.29
CA ALA A 110 -32.16 0.01 4.70
C ALA A 110 -30.87 -0.59 4.19
N ARG A 111 -30.33 -1.55 4.96
CA ARG A 111 -29.14 -2.30 4.58
C ARG A 111 -29.57 -3.69 4.16
N VAL A 112 -29.42 -3.98 2.87
CA VAL A 112 -29.88 -5.24 2.28
C VAL A 112 -28.68 -5.91 1.63
N PRO A 113 -28.44 -7.20 1.84
CA PRO A 113 -27.41 -7.90 1.08
C PRO A 113 -27.76 -7.93 -0.40
N GLY A 114 -26.73 -7.98 -1.24
CA GLY A 114 -26.96 -7.97 -2.68
C GLY A 114 -27.79 -9.14 -3.15
N SER A 115 -27.60 -10.30 -2.53
CA SER A 115 -28.37 -11.48 -2.92
C SER A 115 -29.86 -11.30 -2.60
N GLN A 116 -30.18 -10.65 -1.48
CA GLN A 116 -31.57 -10.47 -1.08
C GLN A 116 -32.26 -9.31 -1.79
N LEU A 117 -31.51 -8.46 -2.50
CA LEU A 117 -32.10 -7.35 -3.24
C LEU A 117 -32.52 -7.86 -4.61
N THR A 118 -33.67 -8.51 -4.64
CA THR A 118 -34.23 -9.11 -5.86
C THR A 118 -35.45 -8.31 -6.32
N LEU A 119 -36.06 -8.79 -7.41
CA LEU A 119 -37.25 -8.14 -7.92
C LEU A 119 -38.41 -8.26 -6.94
N GLY A 120 -38.53 -9.40 -6.26
CA GLY A 120 -39.59 -9.57 -5.28
C GLY A 120 -39.47 -8.61 -4.11
N TYR A 121 -38.24 -8.33 -3.70
CA TYR A 121 -38.03 -7.35 -2.62
C TYR A 121 -38.53 -5.97 -3.04
N MET A 122 -38.28 -5.58 -4.29
CA MET A 122 -38.73 -4.28 -4.77
C MET A 122 -40.25 -4.18 -4.76
N GLU A 123 -40.93 -5.25 -5.17
CA GLU A 123 -42.39 -5.23 -5.17
C GLU A 123 -42.96 -5.23 -3.77
N GLU A 124 -42.29 -5.89 -2.83
CA GLU A 124 -42.81 -5.93 -1.45
C GLU A 124 -42.68 -4.58 -0.76
N HIS A 125 -41.55 -3.90 -0.95
CA HIS A 125 -41.30 -2.62 -0.27
C HIS A 125 -41.66 -1.41 -1.11
N GLY A 126 -41.73 -1.55 -2.44
CA GLY A 126 -42.15 -0.47 -3.30
C GLY A 126 -41.06 0.49 -3.73
N PHE A 127 -39.84 0.33 -3.21
CA PHE A 127 -38.71 1.21 -3.54
C PHE A 127 -39.05 2.67 -3.28
N THR A 128 -39.50 2.95 -2.05
CA THR A 128 -39.83 4.30 -1.65
C THR A 128 -38.76 4.95 -0.79
N GLU A 129 -37.74 4.21 -0.37
CA GLU A 129 -36.65 4.72 0.45
C GLU A 129 -35.33 4.19 -0.10
N PRO A 130 -34.24 4.94 0.07
CA PRO A 130 -32.95 4.49 -0.46
C PRO A 130 -32.49 3.18 0.17
N ILE A 131 -31.80 2.38 -0.62
CA ILE A 131 -31.29 1.08 -0.20
C ILE A 131 -29.77 1.10 -0.32
N LEU A 132 -29.09 0.69 0.75
CA LEU A 132 -27.63 0.64 0.79
C LEU A 132 -27.21 -0.83 0.86
N VAL A 133 -26.37 -1.25 -0.08
CA VAL A 133 -25.86 -2.61 -0.11
C VAL A 133 -24.38 -2.58 0.21
N PRO A 134 -23.98 -2.95 1.44
CA PRO A 134 -22.56 -2.82 1.83
C PRO A 134 -21.60 -3.62 0.97
N LYS A 135 -22.00 -4.81 0.52
CA LYS A 135 -21.12 -5.70 -0.22
C LYS A 135 -21.65 -5.89 -1.64
N LYS A 136 -20.74 -5.81 -2.61
CA LYS A 136 -21.13 -5.96 -4.01
C LYS A 136 -21.66 -7.35 -4.33
N ASP A 137 -21.31 -8.35 -3.52
CA ASP A 137 -21.70 -9.73 -3.81
C ASP A 137 -23.21 -9.87 -3.85
N GLY A 138 -23.71 -10.55 -4.88
CA GLY A 138 -25.13 -10.77 -5.07
C GLY A 138 -25.83 -9.73 -5.93
N LEU A 139 -25.21 -8.58 -6.15
CA LEU A 139 -25.82 -7.53 -6.95
C LEU A 139 -25.70 -7.76 -8.45
N GLY A 140 -24.86 -8.69 -8.89
CA GLY A 140 -24.58 -8.82 -10.30
C GLY A 140 -23.85 -7.63 -10.88
N LEU A 141 -23.22 -6.82 -10.04
CA LEU A 141 -22.52 -5.62 -10.47
C LEU A 141 -21.10 -5.98 -10.90
N ALA A 142 -20.71 -5.52 -12.09
CA ALA A 142 -19.36 -5.71 -12.61
C ALA A 142 -18.64 -4.36 -12.58
N VAL A 143 -17.60 -4.27 -11.78
CA VAL A 143 -16.77 -3.07 -11.67
C VAL A 143 -15.31 -3.46 -11.67
N PRO A 144 -14.42 -2.55 -12.07
CA PRO A 144 -12.99 -2.86 -12.04
C PRO A 144 -12.50 -3.09 -10.61
N ALA A 145 -11.35 -3.74 -10.51
CA ALA A 145 -10.74 -3.98 -9.22
C ALA A 145 -10.32 -2.67 -8.58
N PRO A 146 -10.19 -2.64 -7.25
CA PRO A 146 -9.77 -1.39 -6.59
C PRO A 146 -8.42 -0.87 -7.07
N THR A 147 -7.59 -1.71 -7.69
CA THR A 147 -6.37 -1.22 -8.32
C THR A 147 -6.68 -0.68 -9.71
N PHE A 148 -7.67 0.19 -9.80
CA PHE A 148 -8.05 0.87 -11.04
C PHE A 148 -8.08 2.36 -10.74
N TYR A 149 -7.26 3.13 -11.45
CA TYR A 149 -6.99 4.51 -11.09
C TYR A 149 -7.47 5.46 -12.18
N VAL A 150 -7.47 6.76 -11.84
CA VAL A 150 -7.90 7.79 -12.78
C VAL A 150 -7.00 7.83 -13.99
N SER A 151 -5.73 7.45 -13.84
CA SER A 151 -4.84 7.32 -14.99
C SER A 151 -5.38 6.29 -15.97
N ASP A 152 -5.89 5.17 -15.44
CA ASP A 152 -6.52 4.17 -16.29
C ASP A 152 -7.84 4.69 -16.88
N VAL A 153 -8.56 5.54 -16.15
CA VAL A 153 -9.79 6.12 -16.67
C VAL A 153 -9.49 6.94 -17.91
N GLU A 154 -8.40 7.71 -17.90
CA GLU A 154 -8.05 8.52 -19.05
C GLU A 154 -7.73 7.65 -20.27
N ASN A 155 -7.02 6.54 -20.05
CA ASN A 155 -6.60 5.69 -21.17
C ASN A 155 -7.79 5.07 -21.89
N TYR A 156 -8.78 4.57 -21.13
CA TYR A 156 -9.87 3.83 -21.74
C TYR A 156 -11.01 4.73 -22.19
N VAL A 157 -11.29 5.82 -21.47
CA VAL A 157 -12.28 6.79 -21.94
C VAL A 157 -11.74 7.54 -23.14
N GLY A 158 -10.46 7.91 -23.10
CA GLY A 158 -9.85 8.67 -24.17
C GLY A 158 -9.33 10.01 -23.68
N PRO A 159 -8.01 10.19 -23.72
CA PRO A 159 -7.43 11.46 -23.24
C PRO A 159 -7.91 12.67 -24.03
N GLU A 160 -8.28 12.50 -25.30
CA GLU A 160 -8.76 13.60 -26.12
C GLU A 160 -10.26 13.83 -25.99
N ARG A 161 -10.98 12.95 -25.30
CA ARG A 161 -12.42 13.11 -25.16
C ARG A 161 -12.75 14.33 -24.32
N SER A 162 -13.68 15.14 -24.80
CA SER A 162 -14.12 16.31 -24.05
C SER A 162 -15.08 15.90 -22.94
N VAL A 163 -14.90 16.49 -21.76
CA VAL A 163 -15.69 16.16 -20.58
C VAL A 163 -16.25 17.44 -19.99
N ASP A 164 -17.28 17.26 -19.16
CA ASP A 164 -17.92 18.36 -18.44
C ASP A 164 -17.35 18.42 -17.03
N VAL A 165 -16.61 19.48 -16.74
CA VAL A 165 -15.93 19.66 -15.46
C VAL A 165 -16.65 20.76 -14.69
N THR A 166 -16.95 20.51 -13.42
CA THR A 166 -17.67 21.45 -12.58
C THR A 166 -16.69 22.16 -11.64
N ASP A 167 -16.69 23.48 -11.69
CA ASP A 167 -15.91 24.29 -10.76
C ASP A 167 -16.71 24.40 -9.47
N VAL A 168 -16.30 23.66 -8.44
CA VAL A 168 -17.09 23.58 -7.21
C VAL A 168 -17.17 24.95 -6.54
N THR A 169 -16.04 25.66 -6.46
CA THR A 169 -16.04 26.97 -5.79
C THR A 169 -16.92 27.97 -6.52
N LYS A 170 -16.83 28.00 -7.85
CA LYS A 170 -17.62 28.92 -8.65
C LYS A 170 -19.00 28.38 -9.01
N GLN A 171 -19.25 27.09 -8.78
CA GLN A 171 -20.54 26.45 -9.09
C GLN A 171 -20.92 26.67 -10.54
N LYS A 172 -19.95 26.54 -11.44
CA LYS A 172 -20.16 26.68 -12.87
C LYS A 172 -19.55 25.49 -13.59
N ASP A 173 -19.97 25.30 -14.83
CA ASP A 173 -19.52 24.18 -15.65
C ASP A 173 -18.73 24.68 -16.85
N CYS A 174 -17.77 23.87 -17.28
CA CYS A 174 -16.94 24.19 -18.44
C CYS A 174 -16.46 22.89 -19.09
N LYS A 175 -16.28 22.94 -20.40
CA LYS A 175 -15.83 21.78 -21.16
C LYS A 175 -14.32 21.86 -21.38
N MET A 176 -13.66 20.71 -21.25
CA MET A 176 -12.22 20.63 -21.42
C MET A 176 -11.84 19.20 -21.78
N LYS A 177 -10.63 19.05 -22.32
CA LYS A 177 -10.12 17.73 -22.64
C LYS A 177 -9.95 16.90 -21.37
N LEU A 178 -10.19 15.59 -21.48
CA LEU A 178 -10.04 14.71 -20.33
C LEU A 178 -8.58 14.70 -19.85
N LYS A 179 -7.63 14.74 -20.78
CA LYS A 179 -6.23 14.77 -20.38
C LYS A 179 -5.90 16.04 -19.59
N GLU A 180 -6.61 17.13 -19.85
CA GLU A 180 -6.36 18.36 -19.10
C GLU A 180 -6.90 18.24 -17.67
N PHE A 181 -8.03 17.57 -17.49
CA PHE A 181 -8.57 17.38 -16.14
C PHE A 181 -7.71 16.39 -15.35
N VAL A 182 -7.29 15.30 -15.98
CA VAL A 182 -6.50 14.31 -15.26
C VAL A 182 -5.12 14.86 -14.91
N ASP A 183 -4.62 15.81 -15.69
CA ASP A 183 -3.40 16.52 -15.30
C ASP A 183 -3.64 17.31 -14.02
N TYR A 184 -4.80 17.95 -13.91
CA TYR A 184 -5.16 18.64 -12.67
C TYR A 184 -5.30 17.67 -11.51
N TYR A 185 -5.91 16.50 -11.76
CA TYR A 185 -6.11 15.53 -10.69
C TYR A 185 -4.78 15.02 -10.14
N TYR A 186 -3.81 14.75 -11.02
CA TYR A 186 -2.51 14.22 -10.62
C TYR A 186 -1.47 15.31 -10.40
N SER A 187 -1.90 16.50 -9.96
CA SER A 187 -0.99 17.57 -9.61
C SER A 187 -1.10 17.87 -8.13
N THR A 188 0.05 18.07 -7.48
CA THR A 188 0.05 18.42 -6.07
C THR A 188 -0.34 19.88 -5.88
N ASN A 189 -0.94 20.17 -4.72
CA ASN A 189 -1.38 21.52 -4.37
C ASN A 189 -2.36 22.07 -5.41
N ARG A 190 -3.52 21.40 -5.51
CA ARG A 190 -4.57 21.84 -6.41
C ARG A 190 -5.12 23.19 -5.96
N LYS A 191 -4.99 24.21 -6.82
CA LYS A 191 -5.52 25.52 -6.48
C LYS A 191 -7.03 25.59 -6.64
N ARG A 192 -7.60 24.84 -7.59
CA ARG A 192 -9.02 24.86 -7.86
C ARG A 192 -9.66 23.55 -7.39
N VAL A 193 -10.98 23.60 -7.21
CA VAL A 193 -11.78 22.43 -6.83
C VAL A 193 -12.61 22.08 -8.05
N LEU A 194 -12.16 21.08 -8.81
CA LEU A 194 -12.80 20.68 -10.06
C LEU A 194 -13.26 19.23 -9.95
N ASN A 195 -14.48 18.97 -10.39
CA ASN A 195 -15.06 17.63 -10.35
C ASN A 195 -15.58 17.25 -11.72
N VAL A 196 -15.65 15.94 -11.97
CA VAL A 196 -16.28 15.38 -13.16
C VAL A 196 -17.41 14.48 -12.67
N THR A 197 -18.64 14.92 -12.87
CA THR A 197 -19.81 14.15 -12.47
C THR A 197 -20.73 13.79 -13.62
N ASN A 198 -20.48 14.31 -14.82
CA ASN A 198 -21.27 13.99 -16.02
C ASN A 198 -20.28 13.45 -17.06
N LEU A 199 -20.02 12.15 -16.99
CA LEU A 199 -19.11 11.48 -17.92
C LEU A 199 -19.72 10.11 -18.23
N GLU A 200 -20.47 10.05 -19.33
CA GLU A 200 -21.10 8.81 -19.76
C GLU A 200 -20.15 8.08 -20.71
N PHE A 201 -19.68 6.91 -20.29
CA PHE A 201 -18.64 6.18 -21.00
C PHE A 201 -19.15 4.92 -21.69
N SER A 202 -20.46 4.83 -21.93
CA SER A 202 -21.00 3.65 -22.60
C SER A 202 -20.52 3.54 -24.04
N ASP A 203 -20.02 4.63 -24.63
CA ASP A 203 -19.50 4.63 -25.99
C ASP A 203 -17.98 4.49 -26.03
N THR A 204 -17.35 4.23 -24.90
CA THR A 204 -15.90 4.14 -24.79
C THR A 204 -15.47 2.70 -24.52
N ARG A 205 -14.15 2.50 -24.50
CA ARG A 205 -13.60 1.18 -24.21
C ARG A 205 -13.85 0.77 -22.76
N MET A 206 -13.98 1.75 -21.86
CA MET A 206 -14.20 1.45 -20.45
C MET A 206 -15.61 0.90 -20.19
N SER A 207 -16.52 0.97 -21.16
CA SER A 207 -17.86 0.46 -20.96
C SER A 207 -17.85 -1.05 -20.74
N SER A 208 -16.92 -1.76 -21.37
CA SER A 208 -16.84 -3.21 -21.18
C SER A 208 -16.40 -3.59 -19.77
N PHE A 209 -15.83 -2.66 -19.02
CA PHE A 209 -15.37 -2.93 -17.66
C PHE A 209 -16.46 -2.74 -16.61
N VAL A 210 -17.57 -2.08 -16.95
CA VAL A 210 -18.63 -1.77 -16.00
C VAL A 210 -19.94 -2.32 -16.53
N GLU A 211 -20.67 -3.04 -15.68
CA GLU A 211 -21.99 -3.55 -16.00
C GLU A 211 -22.93 -3.20 -14.87
N PRO A 212 -24.11 -2.66 -15.15
CA PRO A 212 -25.02 -2.22 -14.08
C PRO A 212 -25.51 -3.40 -13.25
N PRO A 213 -25.96 -3.16 -12.03
CA PRO A 213 -26.50 -4.25 -11.21
C PRO A 213 -27.69 -4.91 -11.88
N ASP A 214 -27.84 -6.21 -11.65
CA ASP A 214 -28.88 -6.98 -12.33
C ASP A 214 -30.28 -6.50 -11.95
N ILE A 215 -30.45 -6.00 -10.73
CA ILE A 215 -31.75 -5.46 -10.33
C ILE A 215 -32.09 -4.21 -11.15
N VAL A 216 -31.09 -3.41 -11.49
CA VAL A 216 -31.32 -2.22 -12.31
C VAL A 216 -31.80 -2.62 -13.70
N LYS A 217 -31.14 -3.63 -14.31
CA LYS A 217 -31.54 -4.07 -15.64
C LYS A 217 -32.93 -4.69 -15.63
N LYS A 218 -33.31 -5.39 -14.56
CA LYS A 218 -34.66 -5.93 -14.46
C LYS A 218 -35.70 -4.83 -14.40
N LEU A 219 -35.42 -3.75 -13.65
CA LEU A 219 -36.40 -2.69 -13.43
C LEU A 219 -36.40 -1.63 -14.51
N SER A 220 -35.37 -1.56 -15.35
CA SER A 220 -35.26 -0.48 -16.31
C SER A 220 -36.29 -0.63 -17.43
N TRP A 221 -37.03 0.44 -17.70
CA TRP A 221 -37.97 0.44 -18.82
C TRP A 221 -37.23 0.28 -20.15
N VAL A 222 -36.11 0.99 -20.30
CA VAL A 222 -35.35 0.92 -21.55
C VAL A 222 -34.77 -0.47 -21.74
N GLU A 223 -34.24 -1.07 -20.67
CA GLU A 223 -33.63 -2.39 -20.79
C GLU A 223 -34.67 -3.45 -21.17
N ASN A 224 -35.94 -3.22 -20.84
CA ASN A 224 -36.99 -4.21 -21.08
C ASN A 224 -37.85 -3.89 -22.30
N TYR A 225 -38.16 -2.61 -22.55
CA TYR A 225 -39.20 -2.25 -23.50
C TYR A 225 -38.72 -1.41 -24.68
N TRP A 226 -37.43 -1.08 -24.75
CA TRP A 226 -36.92 -0.30 -25.88
C TRP A 226 -36.56 -1.25 -27.02
N PRO A 227 -37.16 -1.11 -28.19
CA PRO A 227 -36.89 -2.05 -29.28
C PRO A 227 -35.45 -1.97 -29.78
N ASP A 228 -34.96 -3.10 -30.27
CA ASP A 228 -33.61 -3.15 -30.83
C ASP A 228 -33.52 -2.35 -32.12
N ASP A 229 -34.59 -2.32 -32.91
CA ASP A 229 -34.60 -1.64 -34.20
C ASP A 229 -35.14 -0.22 -34.12
N ALA A 230 -35.28 0.32 -32.91
CA ALA A 230 -35.78 1.69 -32.76
C ALA A 230 -34.82 2.68 -33.41
N LEU A 231 -35.38 3.59 -34.22
CA LEU A 231 -34.53 4.57 -34.90
C LEU A 231 -33.89 5.53 -33.90
N LEU A 232 -34.64 5.97 -32.90
CA LEU A 232 -34.09 6.87 -31.90
C LEU A 232 -33.14 6.13 -30.98
N ALA A 233 -32.06 6.80 -30.58
CA ALA A 233 -31.07 6.18 -29.71
C ALA A 233 -31.62 6.00 -28.30
N LYS A 234 -31.13 4.96 -27.63
CA LYS A 234 -31.52 4.72 -26.26
C LYS A 234 -30.96 5.81 -25.35
N PRO A 235 -31.63 6.09 -24.22
CA PRO A 235 -31.13 7.12 -23.30
C PRO A 235 -29.73 6.77 -22.80
N LYS A 236 -28.76 7.61 -23.17
CA LYS A 236 -27.36 7.40 -22.82
C LYS A 236 -27.13 7.83 -21.37
N VAL A 237 -27.72 7.06 -20.47
CA VAL A 237 -27.68 7.35 -19.04
C VAL A 237 -27.31 6.10 -18.25
N THR A 238 -26.80 5.09 -18.94
CA THR A 238 -26.64 3.78 -18.32
C THR A 238 -25.35 3.66 -17.51
N LYS A 239 -24.27 4.35 -17.92
CA LYS A 239 -22.96 4.18 -17.28
C LYS A 239 -22.30 5.54 -17.12
N TYR A 240 -22.25 6.03 -15.88
CA TYR A 240 -21.58 7.28 -15.55
C TYR A 240 -20.32 7.00 -14.73
N CYS A 241 -19.29 7.82 -14.94
CA CYS A 241 -18.09 7.78 -14.14
C CYS A 241 -17.93 9.12 -13.44
N LEU A 242 -17.68 9.09 -12.13
CA LEU A 242 -17.55 10.29 -11.32
C LEU A 242 -16.16 10.34 -10.71
N ILE A 243 -15.49 11.47 -10.88
CA ILE A 243 -14.18 11.72 -10.29
C ILE A 243 -14.32 12.97 -9.42
N CYS A 244 -14.34 12.79 -8.11
CA CYS A 244 -14.51 13.88 -7.16
C CYS A 244 -13.23 14.07 -6.36
N VAL A 245 -12.75 15.31 -6.32
CA VAL A 245 -11.52 15.64 -5.61
C VAL A 245 -11.81 15.81 -4.12
N LYS A 246 -10.75 15.86 -3.32
CA LYS A 246 -10.91 16.01 -1.87
C LYS A 246 -11.55 17.35 -1.53
N ASP A 247 -12.45 17.32 -0.56
CA ASP A 247 -13.14 18.52 -0.07
C ASP A 247 -13.94 19.21 -1.19
N SER A 248 -14.68 18.41 -1.94
CA SER A 248 -15.55 18.91 -2.99
C SER A 248 -17.01 18.75 -2.58
N TYR A 249 -17.89 19.42 -3.33
CA TYR A 249 -19.30 19.46 -2.98
C TYR A 249 -20.14 19.49 -4.24
N THR A 250 -21.25 18.74 -4.22
CA THR A 250 -22.26 18.78 -5.27
C THR A 250 -23.59 19.16 -4.63
N ASP A 251 -24.26 20.17 -5.20
CA ASP A 251 -25.43 20.75 -4.59
C ASP A 251 -26.64 19.83 -4.74
N PHE A 252 -27.73 20.20 -4.06
CA PHE A 252 -28.96 19.44 -4.12
C PHE A 252 -29.55 19.47 -5.52
N HIS A 253 -30.07 18.33 -5.95
CA HIS A 253 -30.68 18.21 -7.28
C HIS A 253 -31.57 16.99 -7.32
N ILE A 254 -32.44 16.95 -8.32
CA ILE A 254 -33.28 15.80 -8.61
C ILE A 254 -32.86 15.27 -9.99
N ASP A 255 -32.66 13.95 -10.07
CA ASP A 255 -32.28 13.34 -11.33
C ASP A 255 -33.34 13.58 -12.39
N SER A 256 -32.89 13.79 -13.62
CA SER A 256 -33.80 14.17 -14.70
C SER A 256 -34.86 13.11 -14.93
N GLY A 257 -36.10 13.55 -15.07
CA GLY A 257 -37.21 12.64 -15.29
C GLY A 257 -37.56 11.78 -14.11
N GLY A 258 -37.12 12.15 -12.90
CA GLY A 258 -37.36 11.32 -11.73
C GLY A 258 -36.72 9.96 -11.81
N ALA A 259 -35.63 9.83 -12.57
CA ALA A 259 -35.01 8.53 -12.77
C ALA A 259 -34.34 8.06 -11.48
N SER A 260 -34.66 6.83 -11.08
CA SER A 260 -33.94 6.22 -9.96
C SER A 260 -32.49 5.96 -10.37
N ALA A 261 -31.60 6.03 -9.39
CA ALA A 261 -30.16 5.97 -9.64
C ALA A 261 -29.50 4.98 -8.71
N TRP A 262 -28.38 4.42 -9.17
CA TRP A 262 -27.51 3.57 -8.36
C TRP A 262 -26.11 4.15 -8.38
N TYR A 263 -25.47 4.17 -7.21
CA TYR A 263 -24.12 4.70 -7.06
C TYR A 263 -23.24 3.66 -6.41
N HIS A 264 -22.07 3.42 -6.99
CA HIS A 264 -21.09 2.49 -6.45
C HIS A 264 -19.75 3.19 -6.32
N VAL A 265 -19.17 3.15 -5.12
CA VAL A 265 -17.92 3.83 -4.83
C VAL A 265 -16.79 2.82 -4.97
N LEU A 266 -16.00 2.96 -6.05
CA LEU A 266 -14.85 2.08 -6.24
C LEU A 266 -13.73 2.41 -5.27
N LYS A 267 -13.41 3.70 -5.11
CA LYS A 267 -12.38 4.14 -4.20
C LYS A 267 -12.84 5.38 -3.47
N GLY A 268 -12.31 5.58 -2.26
CA GLY A 268 -12.71 6.70 -1.44
C GLY A 268 -14.05 6.47 -0.76
N GLU A 269 -14.70 7.58 -0.40
CA GLU A 269 -16.00 7.51 0.23
C GLU A 269 -16.78 8.77 -0.13
N LYS A 270 -18.10 8.68 0.02
CA LYS A 270 -19.00 9.77 -0.30
C LYS A 270 -20.05 9.90 0.79
N THR A 271 -20.48 11.12 1.05
CA THR A 271 -21.54 11.41 2.01
C THR A 271 -22.74 11.98 1.27
N PHE A 272 -23.89 11.32 1.42
CA PHE A 272 -25.11 11.74 0.76
C PHE A 272 -26.04 12.43 1.75
N TYR A 273 -26.63 13.54 1.30
CA TYR A 273 -27.61 14.28 2.08
C TYR A 273 -28.96 14.17 1.37
N LEU A 274 -29.80 13.27 1.86
CA LEU A 274 -31.02 12.88 1.18
C LEU A 274 -32.23 13.58 1.78
N ILE A 275 -33.12 14.07 0.90
CA ILE A 275 -34.37 14.69 1.30
C ILE A 275 -35.51 13.93 0.63
N ARG A 276 -36.51 13.55 1.41
CA ARG A 276 -37.61 12.77 0.88
C ARG A 276 -38.43 13.61 -0.10
N PRO A 277 -38.86 13.04 -1.23
CA PRO A 277 -39.62 13.82 -2.21
C PRO A 277 -41.06 14.10 -1.77
N ALA A 278 -41.22 14.77 -0.63
CA ALA A 278 -42.54 15.17 -0.19
C ALA A 278 -43.06 16.30 -1.07
N SER A 279 -44.38 16.52 -1.00
CA SER A 279 -44.99 17.55 -1.83
C SER A 279 -44.43 18.92 -1.50
N ALA A 280 -44.28 19.24 -0.21
CA ALA A 280 -43.69 20.52 0.19
C ALA A 280 -42.24 20.64 -0.26
N ASN A 281 -41.47 19.56 -0.12
CA ASN A 281 -40.05 19.62 -0.46
C ASN A 281 -39.83 19.76 -1.96
N ILE A 282 -40.67 19.09 -2.77
CA ILE A 282 -40.56 19.22 -4.22
C ILE A 282 -40.86 20.65 -4.66
N SER A 283 -41.90 21.25 -4.08
CA SER A 283 -42.23 22.63 -4.40
C SER A 283 -41.11 23.58 -3.99
N LEU A 284 -40.52 23.36 -2.81
CA LEU A 284 -39.43 24.21 -2.36
C LEU A 284 -38.21 24.05 -3.26
N TYR A 285 -37.92 22.83 -3.70
CA TYR A 285 -36.79 22.61 -4.60
C TYR A 285 -36.99 23.34 -5.93
N GLU A 286 -38.22 23.29 -6.47
CA GLU A 286 -38.49 23.97 -7.73
C GLU A 286 -38.28 25.48 -7.60
N ARG A 287 -38.79 26.07 -6.52
CA ARG A 287 -38.61 27.50 -6.31
C ARG A 287 -37.16 27.83 -6.00
N TRP A 288 -36.46 26.95 -5.27
CA TRP A 288 -35.05 27.19 -4.96
C TRP A 288 -34.20 27.10 -6.23
N ARG A 289 -34.37 26.02 -7.01
CA ARG A 289 -33.57 25.84 -8.20
C ARG A 289 -33.85 26.91 -9.25
N SER A 290 -35.09 27.42 -9.29
CA SER A 290 -35.42 28.45 -10.26
C SER A 290 -34.73 29.77 -9.93
N ALA A 291 -34.45 30.03 -8.66
CA ALA A 291 -33.79 31.27 -8.27
C ALA A 291 -32.38 31.33 -8.84
N SER A 292 -32.02 32.50 -9.36
CA SER A 292 -30.69 32.67 -9.95
C SER A 292 -29.58 32.54 -8.92
N ASN A 293 -29.87 32.84 -7.65
CA ASN A 293 -28.89 32.75 -6.58
C ASN A 293 -29.03 31.46 -5.78
N HIS A 294 -29.45 30.37 -6.42
CA HIS A 294 -29.63 29.10 -5.71
C HIS A 294 -28.32 28.55 -5.18
N SER A 295 -27.18 28.92 -5.77
CA SER A 295 -25.88 28.47 -5.30
C SER A 295 -25.45 29.16 -4.01
N GLU A 296 -26.02 30.32 -3.70
CA GLU A 296 -25.73 31.03 -2.46
C GLU A 296 -26.74 30.72 -1.36
N MET A 297 -27.70 29.83 -1.61
CA MET A 297 -28.69 29.44 -0.62
C MET A 297 -28.54 27.96 -0.29
N PHE A 298 -28.42 27.66 1.00
CA PHE A 298 -28.32 26.28 1.46
C PHE A 298 -29.72 25.69 1.52
N PHE A 299 -30.00 24.72 0.66
CA PHE A 299 -31.37 24.23 0.49
C PHE A 299 -31.86 23.44 1.70
N ALA A 300 -30.95 22.83 2.45
CA ALA A 300 -31.36 22.02 3.60
C ALA A 300 -32.02 22.83 4.71
N ASP A 301 -31.90 24.16 4.68
CA ASP A 301 -32.57 24.99 5.66
C ASP A 301 -34.09 24.87 5.57
N GLN A 302 -34.61 24.82 4.35
CA GLN A 302 -36.04 24.93 4.11
C GLN A 302 -36.81 23.64 4.30
N VAL A 303 -36.11 22.50 4.40
CA VAL A 303 -36.76 21.21 4.53
C VAL A 303 -36.75 20.78 6.00
N ASP A 304 -37.67 19.87 6.33
CA ASP A 304 -37.78 19.41 7.71
C ASP A 304 -36.64 18.46 8.06
N LYS A 305 -36.55 17.33 7.36
CA LYS A 305 -35.56 16.30 7.65
C LYS A 305 -34.66 16.10 6.44
N CYS A 306 -33.35 16.12 6.67
CA CYS A 306 -32.35 15.88 5.63
C CYS A 306 -31.41 14.81 6.15
N TYR A 307 -31.59 13.57 5.70
CA TYR A 307 -30.81 12.46 6.23
C TYR A 307 -29.40 12.48 5.69
N LYS A 308 -28.44 12.19 6.58
CA LYS A 308 -27.02 12.14 6.22
C LYS A 308 -26.61 10.67 6.12
N CYS A 309 -26.15 10.27 4.92
CA CYS A 309 -25.79 8.89 4.65
C CYS A 309 -24.35 8.84 4.14
N ILE A 310 -23.56 7.92 4.69
CA ILE A 310 -22.17 7.74 4.31
C ILE A 310 -22.05 6.46 3.50
N VAL A 311 -21.65 6.58 2.24
CA VAL A 311 -21.41 5.44 1.37
C VAL A 311 -19.90 5.25 1.28
N LYS A 312 -19.40 4.13 1.79
CA LYS A 312 -17.97 3.89 1.84
C LYS A 312 -17.52 3.09 0.62
N GLN A 313 -16.22 2.79 0.58
CA GLN A 313 -15.65 2.08 -0.55
C GLN A 313 -16.25 0.68 -0.68
N GLY A 314 -16.60 0.30 -1.90
CA GLY A 314 -17.20 -0.98 -2.16
C GLY A 314 -18.68 -1.08 -1.87
N GLN A 315 -19.31 0.00 -1.44
CA GLN A 315 -20.72 0.02 -1.11
C GLN A 315 -21.53 0.62 -2.26
N THR A 316 -22.77 0.16 -2.40
CA THR A 316 -23.65 0.58 -3.48
C THR A 316 -24.93 1.18 -2.88
N LEU A 317 -25.33 2.33 -3.39
CA LEU A 317 -26.51 3.05 -2.91
C LEU A 317 -27.51 3.19 -4.04
N PHE A 318 -28.77 2.83 -3.77
CA PHE A 318 -29.85 2.97 -4.73
C PHE A 318 -30.78 4.08 -4.25
N ILE A 319 -31.00 5.07 -5.10
CA ILE A 319 -31.78 6.25 -4.76
C ILE A 319 -33.12 6.17 -5.49
N PRO A 320 -34.25 6.29 -4.80
CA PRO A 320 -35.56 6.20 -5.49
C PRO A 320 -35.87 7.43 -6.33
N SER A 321 -37.07 7.45 -6.90
CA SER A 321 -37.46 8.52 -7.81
C SER A 321 -37.79 9.80 -7.06
N GLY A 322 -37.28 10.92 -7.56
CA GLY A 322 -37.63 12.23 -7.04
C GLY A 322 -36.89 12.68 -5.80
N TRP A 323 -36.00 11.85 -5.26
CA TRP A 323 -35.30 12.22 -4.03
C TRP A 323 -34.30 13.33 -4.30
N ILE A 324 -34.35 14.37 -3.46
CA ILE A 324 -33.43 15.50 -3.55
C ILE A 324 -32.20 15.16 -2.73
N TYR A 325 -31.06 15.00 -3.38
CA TYR A 325 -29.84 14.58 -2.69
C TYR A 325 -28.66 15.45 -3.10
N ALA A 326 -27.75 15.65 -2.15
CA ALA A 326 -26.49 16.32 -2.37
C ALA A 326 -25.36 15.48 -1.79
N THR A 327 -24.16 15.67 -2.29
CA THR A 327 -23.02 14.85 -1.89
C THR A 327 -21.88 15.73 -1.37
N LEU A 328 -21.17 15.21 -0.37
CA LEU A 328 -19.96 15.81 0.16
C LEU A 328 -18.84 14.78 0.08
N THR A 329 -17.70 15.19 -0.47
CA THR A 329 -16.61 14.26 -0.73
C THR A 329 -15.41 14.59 0.15
N PRO A 330 -15.14 13.81 1.20
CA PRO A 330 -14.03 14.15 2.10
C PRO A 330 -12.66 13.75 1.58
N VAL A 331 -12.61 12.71 0.75
CA VAL A 331 -11.37 12.23 0.16
C VAL A 331 -11.60 12.01 -1.33
N ASP A 332 -10.50 11.85 -2.07
CA ASP A 332 -10.61 11.58 -3.50
C ASP A 332 -11.43 10.32 -3.73
N CYS A 333 -12.43 10.43 -4.60
CA CYS A 333 -13.42 9.39 -4.78
C CYS A 333 -13.63 9.10 -6.26
N LEU A 334 -13.61 7.81 -6.61
CA LEU A 334 -13.95 7.35 -7.95
C LEU A 334 -15.19 6.48 -7.84
N ALA A 335 -16.26 6.86 -8.54
CA ALA A 335 -17.53 6.18 -8.41
C ALA A 335 -18.16 5.97 -9.78
N PHE A 336 -19.04 4.98 -9.86
CA PHE A 336 -19.81 4.67 -11.06
C PHE A 336 -21.29 4.76 -10.74
N ALA A 337 -22.06 5.39 -11.65
CA ALA A 337 -23.47 5.64 -11.43
C ALA A 337 -24.25 5.38 -12.70
N GLY A 338 -25.56 5.20 -12.53
CA GLY A 338 -26.45 4.99 -13.66
C GLY A 338 -27.87 5.36 -13.30
N HIS A 339 -28.63 5.79 -14.30
CA HIS A 339 -30.01 6.21 -14.13
C HIS A 339 -30.94 5.24 -14.86
N PHE A 340 -32.14 5.05 -14.30
CA PHE A 340 -33.11 4.15 -14.91
C PHE A 340 -34.51 4.55 -14.46
N LEU A 341 -35.49 4.09 -15.23
CA LEU A 341 -36.91 4.28 -14.94
C LEU A 341 -37.56 2.94 -14.68
N HIS A 342 -38.46 2.90 -13.70
CA HIS A 342 -39.16 1.68 -13.35
C HIS A 342 -40.64 1.98 -13.15
N SER A 343 -41.44 0.92 -13.05
CA SER A 343 -42.89 1.02 -12.97
C SER A 343 -43.41 1.27 -11.55
N LEU A 344 -42.53 1.28 -10.55
CA LEU A 344 -42.95 1.45 -9.17
C LEU A 344 -43.08 2.91 -8.77
N SER A 345 -42.62 3.85 -9.59
CA SER A 345 -42.68 5.27 -9.27
C SER A 345 -43.09 6.07 -10.50
N VAL A 346 -44.13 5.59 -11.21
CA VAL A 346 -44.59 6.26 -12.42
C VAL A 346 -45.07 7.66 -12.11
N GLU A 347 -45.87 7.81 -11.04
CA GLU A 347 -46.40 9.12 -10.69
C GLU A 347 -45.29 10.10 -10.32
N MET A 348 -44.33 9.65 -9.51
CA MET A 348 -43.24 10.52 -9.09
C MET A 348 -42.36 10.92 -10.27
N GLN A 349 -42.11 9.99 -11.18
CA GLN A 349 -41.27 10.29 -12.34
C GLN A 349 -41.92 11.37 -13.22
N MET A 350 -43.23 11.28 -13.44
CA MET A 350 -43.92 12.29 -14.22
C MET A 350 -43.89 13.64 -13.50
N ARG A 351 -44.09 13.64 -12.18
CA ARG A 351 -44.08 14.89 -11.43
C ARG A 351 -42.71 15.57 -11.52
N ALA A 352 -41.63 14.80 -11.38
CA ALA A 352 -40.31 15.37 -11.49
C ALA A 352 -40.04 15.89 -12.89
N TYR A 353 -40.51 15.18 -13.91
CA TYR A 353 -40.34 15.63 -15.29
C TYR A 353 -41.09 16.93 -15.53
N GLU A 354 -42.29 17.07 -14.96
CA GLU A 354 -43.03 18.32 -15.10
C GLU A 354 -42.30 19.46 -14.41
N VAL A 355 -41.74 19.21 -13.23
CA VAL A 355 -40.94 20.24 -12.55
C VAL A 355 -39.73 20.60 -13.39
N GLU A 356 -39.06 19.61 -13.97
CA GLU A 356 -37.89 19.86 -14.80
C GLU A 356 -38.26 20.69 -16.03
N ARG A 357 -39.39 20.38 -16.66
CA ARG A 357 -39.83 21.14 -17.83
C ARG A 357 -40.11 22.60 -17.47
N ARG A 358 -40.75 22.84 -16.32
CA ARG A 358 -41.03 24.20 -15.91
C ARG A 358 -39.76 24.98 -15.60
N LEU A 359 -38.78 24.33 -14.98
CA LEU A 359 -37.52 25.00 -14.67
C LEU A 359 -36.78 25.42 -15.95
N LYS A 360 -36.81 24.56 -16.96
CA LYS A 360 -36.14 24.81 -18.24
C LYS A 360 -34.66 25.12 -18.04
N LEU A 361 -34.01 24.31 -17.20
CA LEU A 361 -32.59 24.47 -16.91
C LEU A 361 -31.76 23.95 -18.08
N GLY A 362 -30.44 24.02 -17.93
CA GLY A 362 -29.51 23.57 -18.95
C GLY A 362 -29.67 22.11 -19.30
N SER A 363 -29.68 21.80 -20.59
CA SER A 363 -29.84 20.42 -21.07
C SER A 363 -28.49 19.72 -21.15
N LEU A 364 -27.86 19.59 -19.98
CA LEU A 364 -26.59 18.88 -19.84
C LEU A 364 -26.69 17.62 -19.00
N THR A 365 -27.40 17.67 -17.88
CA THR A 365 -27.65 16.50 -17.05
C THR A 365 -29.06 15.94 -17.27
N GLN A 366 -29.66 16.25 -18.41
CA GLN A 366 -31.03 15.85 -18.70
C GLN A 366 -31.11 14.37 -19.05
N PHE A 367 -32.35 13.89 -19.21
CA PHE A 367 -32.59 12.50 -19.57
C PHE A 367 -33.00 12.45 -21.04
N PRO A 368 -32.13 11.98 -21.93
CA PRO A 368 -32.49 11.97 -23.36
C PRO A 368 -33.65 11.03 -23.65
N ASN A 369 -34.56 11.50 -24.50
CA ASN A 369 -35.69 10.70 -24.97
C ASN A 369 -36.49 10.11 -23.82
N PHE A 370 -36.76 10.93 -22.80
CA PHE A 370 -37.60 10.49 -21.70
C PHE A 370 -39.01 10.17 -22.17
N GLU A 371 -39.57 11.02 -23.03
CA GLU A 371 -40.92 10.78 -23.54
C GLU A 371 -40.98 9.56 -24.43
N THR A 372 -39.91 9.32 -25.20
CA THR A 372 -39.87 8.15 -26.08
C THR A 372 -39.97 6.85 -25.28
N ALA A 373 -39.29 6.80 -24.12
CA ALA A 373 -39.42 5.64 -23.25
C ALA A 373 -40.85 5.49 -22.74
N CYS A 374 -41.50 6.61 -22.42
CA CYS A 374 -42.89 6.55 -21.98
C CYS A 374 -43.82 6.02 -23.06
N TRP A 375 -43.58 6.42 -24.31
CA TRP A 375 -44.39 5.90 -25.42
C TRP A 375 -44.18 4.39 -25.58
N TYR A 376 -42.93 3.94 -25.47
CA TYR A 376 -42.66 2.50 -25.51
C TYR A 376 -43.27 1.78 -24.31
N MET A 377 -43.22 2.41 -23.13
CA MET A 377 -43.87 1.83 -21.95
C MET A 377 -45.38 1.78 -22.14
N GLY A 378 -45.96 2.83 -22.71
CA GLY A 378 -47.40 2.82 -22.95
C GLY A 378 -47.82 1.74 -23.93
N LYS A 379 -47.01 1.51 -24.97
CA LYS A 379 -47.29 0.43 -25.90
C LYS A 379 -47.22 -0.93 -25.20
N HIS A 380 -46.23 -1.11 -24.32
CA HIS A 380 -46.12 -2.35 -23.58
C HIS A 380 -47.33 -2.56 -22.66
N LEU A 381 -47.79 -1.48 -22.02
CA LEU A 381 -48.95 -1.60 -21.13
C LEU A 381 -50.20 -2.01 -21.91
N LEU A 382 -50.38 -1.48 -23.12
CA LEU A 382 -51.51 -1.88 -23.94
C LEU A 382 -51.42 -3.37 -24.30
N GLU A 383 -50.22 -3.85 -24.62
CA GLU A 383 -50.05 -5.28 -24.88
C GLU A 383 -50.32 -6.10 -23.62
N ALA A 384 -49.92 -5.58 -22.46
CA ALA A 384 -50.22 -6.27 -21.21
C ALA A 384 -51.72 -6.32 -20.96
N PHE A 385 -52.44 -5.24 -21.29
CA PHE A 385 -53.90 -5.26 -21.15
C PHE A 385 -54.53 -6.30 -22.05
N LYS A 386 -54.04 -6.43 -23.29
CA LYS A 386 -54.54 -7.49 -24.17
C LYS A 386 -54.20 -8.86 -23.63
N GLY A 387 -52.99 -9.01 -23.07
CA GLY A 387 -52.62 -10.29 -22.47
C GLY A 387 -53.47 -10.63 -21.25
N SER A 388 -53.85 -9.61 -20.47
CA SER A 388 -54.69 -9.85 -19.31
C SER A 388 -56.07 -10.36 -19.72
N HIS A 389 -56.63 -9.82 -20.80
CA HIS A 389 -57.91 -10.30 -21.30
C HIS A 389 -57.81 -11.75 -21.76
N LYS A 390 -56.73 -12.09 -22.47
CA LYS A 390 -56.57 -13.46 -22.96
C LYS A 390 -56.32 -14.43 -21.81
N SER A 391 -55.52 -14.04 -20.82
CA SER A 391 -55.17 -14.93 -19.72
C SER A 391 -56.18 -14.90 -18.58
N GLY A 392 -57.15 -13.99 -18.62
CA GLY A 392 -58.15 -13.92 -17.56
C GLY A 392 -57.59 -13.56 -16.20
N LYS A 393 -56.64 -12.62 -16.17
CA LYS A 393 -56.05 -12.17 -14.91
C LYS A 393 -55.61 -10.72 -15.10
N GLN A 394 -56.37 -9.80 -14.51
CA GLN A 394 -56.12 -8.37 -14.73
C GLN A 394 -54.80 -7.95 -14.09
N LEU A 395 -54.26 -6.84 -14.62
CA LEU A 395 -52.95 -6.36 -14.20
C LEU A 395 -52.98 -5.86 -12.76
N PRO A 396 -51.82 -5.79 -12.11
CA PRO A 396 -51.78 -5.23 -10.76
C PRO A 396 -52.25 -3.79 -10.75
N PRO A 397 -52.83 -3.33 -9.65
CA PRO A 397 -53.41 -1.98 -9.63
C PRO A 397 -52.43 -0.87 -9.95
N HIS A 398 -51.16 -1.01 -9.56
CA HIS A 398 -50.19 0.06 -9.83
C HIS A 398 -49.93 0.22 -11.32
N LEU A 399 -49.97 -0.88 -12.08
CA LEU A 399 -49.83 -0.78 -13.52
C LEU A 399 -51.01 -0.05 -14.15
N VAL A 400 -52.22 -0.32 -13.65
CA VAL A 400 -53.40 0.39 -14.16
C VAL A 400 -53.32 1.88 -13.85
N GLN A 401 -52.92 2.22 -12.62
CA GLN A 401 -52.75 3.62 -12.27
C GLN A 401 -51.66 4.27 -13.10
N GLY A 402 -50.53 3.57 -13.28
CA GLY A 402 -49.47 4.10 -14.11
C GLY A 402 -49.88 4.25 -15.57
N ALA A 403 -50.72 3.34 -16.05
CA ALA A 403 -51.25 3.47 -17.42
C ALA A 403 -52.10 4.72 -17.56
N LYS A 404 -52.93 5.02 -16.56
CA LYS A 404 -53.73 6.24 -16.60
C LYS A 404 -52.84 7.47 -16.55
N ILE A 405 -51.79 7.44 -15.73
CA ILE A 405 -50.88 8.58 -15.64
C ILE A 405 -50.17 8.80 -16.98
N LEU A 406 -49.68 7.73 -17.59
CA LEU A 406 -49.01 7.85 -18.88
C LEU A 406 -49.99 8.24 -19.98
N ASN A 407 -51.21 7.68 -19.93
CA ASN A 407 -52.20 7.99 -20.96
C ASN A 407 -52.57 9.47 -20.93
N GLY A 408 -52.73 10.04 -19.73
CA GLY A 408 -53.00 11.47 -19.63
C GLY A 408 -51.86 12.31 -20.16
N ALA A 409 -50.62 11.89 -19.90
CA ALA A 409 -49.47 12.60 -20.44
C ALA A 409 -49.43 12.51 -21.96
N PHE A 410 -49.86 11.40 -22.52
CA PHE A 410 -49.89 11.24 -23.98
C PHE A 410 -50.81 12.28 -24.62
N ARG A 411 -51.98 12.52 -24.01
CA ARG A 411 -52.90 13.51 -24.54
C ARG A 411 -52.30 14.91 -24.49
N SER A 412 -51.62 15.24 -23.40
CA SER A 412 -50.97 16.54 -23.29
C SER A 412 -49.86 16.70 -24.32
N TRP A 413 -49.07 15.65 -24.53
CA TRP A 413 -47.96 15.72 -25.46
C TRP A 413 -48.45 15.82 -26.90
N THR A 414 -49.52 15.10 -27.24
CA THR A 414 -50.00 15.03 -28.61
C THR A 414 -51.23 15.90 -28.85
N LYS A 415 -51.50 16.85 -27.96
CA LYS A 415 -52.56 17.80 -28.21
C LYS A 415 -52.18 18.71 -29.37
N LYS A 416 -53.21 19.19 -30.10
CA LYS A 416 -52.97 19.97 -31.31
C LYS A 416 -52.19 21.25 -31.00
N GLN A 417 -52.33 21.80 -29.80
CA GLN A 417 -51.62 22.99 -29.40
C GLN A 417 -50.28 22.71 -28.75
N ALA A 418 -49.92 21.42 -28.58
CA ALA A 418 -48.66 21.07 -27.94
C ALA A 418 -47.93 19.94 -28.65
N LEU A 419 -48.42 19.49 -29.81
CA LEU A 419 -47.75 18.39 -30.51
C LEU A 419 -46.37 18.79 -31.02
N ALA A 420 -46.21 20.05 -31.45
CA ALA A 420 -44.94 20.48 -32.01
C ALA A 420 -43.79 20.36 -31.00
N GLU A 421 -44.09 20.48 -29.72
CA GLU A 421 -43.06 20.36 -28.70
C GLU A 421 -42.62 18.92 -28.48
N HIS A 422 -43.54 17.96 -28.59
CA HIS A 422 -43.28 16.58 -28.26
C HIS A 422 -43.22 15.66 -29.47
N GLU A 423 -43.32 16.19 -30.69
CA GLU A 423 -43.31 15.35 -31.87
C GLU A 423 -41.93 14.73 -32.11
N ASP A 424 -40.85 15.45 -31.77
CA ASP A 424 -39.51 14.97 -32.05
C ASP A 424 -39.22 13.67 -31.30
N GLU A 425 -39.71 13.55 -30.07
CA GLU A 425 -39.50 12.35 -29.27
C GLU A 425 -40.53 11.27 -29.53
N LEU A 426 -41.47 11.51 -30.43
CA LEU A 426 -42.45 10.48 -30.78
C LEU A 426 -41.79 9.39 -31.60
N PRO A 427 -41.90 8.12 -31.21
CA PRO A 427 -41.24 7.05 -31.96
C PRO A 427 -41.83 6.90 -33.36
N GLU A 428 -41.02 6.30 -34.23
CA GLU A 428 -41.44 6.07 -35.61
C GLU A 428 -42.58 5.07 -35.68
N HIS A 429 -43.44 5.26 -36.68
CA HIS A 429 -44.59 4.39 -36.93
C HIS A 429 -45.52 4.33 -35.72
N PHE A 430 -45.59 5.42 -34.96
CA PHE A 430 -46.44 5.53 -33.79
C PHE A 430 -47.64 6.41 -34.11
N LYS A 431 -48.83 5.89 -33.88
CA LYS A 431 -50.05 6.68 -34.04
C LYS A 431 -50.64 6.93 -32.66
N PRO A 432 -50.35 8.09 -32.05
CA PRO A 432 -50.78 8.33 -30.67
C PRO A 432 -52.28 8.29 -30.46
N SER A 433 -53.07 8.72 -31.45
CA SER A 433 -54.51 8.75 -31.28
C SER A 433 -55.06 7.34 -31.05
N GLN A 434 -54.59 6.36 -31.82
CA GLN A 434 -55.02 4.99 -31.61
C GLN A 434 -54.55 4.46 -30.25
N LEU A 435 -53.29 4.73 -29.89
CA LEU A 435 -52.76 4.24 -28.62
C LEU A 435 -53.50 4.83 -27.43
N ILE A 436 -53.79 6.13 -27.48
CA ILE A 436 -54.50 6.78 -26.37
C ILE A 436 -55.91 6.21 -26.23
N LYS A 437 -56.61 6.05 -27.36
CA LYS A 437 -57.98 5.54 -27.31
C LYS A 437 -58.00 4.09 -26.81
N ASP A 438 -57.05 3.28 -27.27
CA ASP A 438 -57.01 1.88 -26.83
C ASP A 438 -56.68 1.78 -25.34
N LEU A 439 -55.74 2.58 -24.86
CA LEU A 439 -55.39 2.55 -23.44
C LEU A 439 -56.56 2.98 -22.58
N ALA A 440 -57.29 4.01 -23.00
CA ALA A 440 -58.42 4.50 -22.20
C ALA A 440 -59.51 3.44 -22.08
N LYS A 441 -59.81 2.75 -23.18
CA LYS A 441 -60.82 1.69 -23.12
C LYS A 441 -60.35 0.53 -22.25
N GLU A 442 -59.08 0.15 -22.35
CA GLU A 442 -58.56 -0.95 -21.54
C GLU A 442 -58.58 -0.59 -20.06
N ILE A 443 -58.22 0.66 -19.73
CA ILE A 443 -58.27 1.09 -18.33
C ILE A 443 -59.69 1.06 -17.81
N ARG A 444 -60.65 1.54 -18.61
CA ARG A 444 -62.05 1.51 -18.19
C ARG A 444 -62.55 0.07 -18.03
N LEU A 445 -62.19 -0.81 -18.96
CA LEU A 445 -62.61 -2.21 -18.86
C LEU A 445 -61.99 -2.88 -17.64
N SER A 446 -60.71 -2.62 -17.37
CA SER A 446 -60.02 -3.22 -16.25
C SER A 446 -60.30 -2.51 -14.92
N GLU A 447 -61.31 -1.64 -14.88
CA GLU A 447 -61.69 -0.92 -13.67
C GLU A 447 -63.03 -1.40 -13.13
N ASN A 448 -63.27 -2.71 -13.21
CA ASN A 448 -64.51 -3.30 -12.72
C ASN A 448 -64.25 -4.65 -12.07
N ASN B 4 3.48 -3.63 -16.83
CA ASN B 4 4.26 -4.46 -15.91
C ASN B 4 3.45 -4.83 -14.68
N MET B 5 3.25 -6.13 -14.48
CA MET B 5 2.49 -6.65 -13.35
C MET B 5 3.27 -7.78 -12.68
N ALA B 6 2.82 -8.15 -11.49
CA ALA B 6 3.45 -9.22 -10.73
C ALA B 6 2.43 -9.83 -9.77
N THR B 7 2.78 -10.98 -9.22
CA THR B 7 1.91 -11.71 -8.30
C THR B 7 2.28 -11.37 -6.87
N VAL B 8 1.28 -10.99 -6.08
CA VAL B 8 1.49 -10.63 -4.67
C VAL B 8 0.46 -11.37 -3.83
N PRO B 9 0.76 -11.58 -2.55
CA PRO B 9 -0.22 -12.23 -1.66
C PRO B 9 -1.46 -11.36 -1.47
N VAL B 10 -2.58 -12.03 -1.18
CA VAL B 10 -3.88 -11.38 -1.07
C VAL B 10 -4.49 -11.77 0.27
N TYR B 11 -5.28 -10.85 0.83
CA TYR B 11 -5.83 -11.02 2.18
C TYR B 11 -7.30 -10.68 2.21
N CYS B 12 -7.95 -11.11 3.29
CA CYS B 12 -9.31 -10.71 3.68
C CYS B 12 -10.39 -11.23 2.74
N VAL B 13 -11.64 -10.99 3.12
CA VAL B 13 -12.78 -11.46 2.32
C VAL B 13 -12.87 -10.69 1.00
N CYS B 14 -12.55 -9.40 1.01
CA CYS B 14 -12.61 -8.59 -0.19
C CYS B 14 -11.56 -9.00 -1.23
N ARG B 15 -10.59 -9.83 -0.84
CA ARG B 15 -9.56 -10.33 -1.75
C ARG B 15 -8.77 -9.18 -2.37
N LEU B 16 -8.08 -8.43 -1.51
CA LEU B 16 -7.26 -7.31 -1.92
C LEU B 16 -5.86 -7.45 -1.37
N PRO B 17 -4.87 -6.88 -2.04
CA PRO B 17 -3.50 -6.88 -1.51
C PRO B 17 -3.42 -6.09 -0.20
N TYR B 18 -2.30 -6.28 0.50
CA TYR B 18 -2.13 -5.63 1.79
C TYR B 18 -2.12 -4.11 1.64
N ASP B 19 -2.93 -3.45 2.46
CA ASP B 19 -3.01 -1.99 2.48
C ASP B 19 -2.41 -1.50 3.80
N VAL B 20 -1.35 -0.72 3.71
CA VAL B 20 -0.63 -0.27 4.90
C VAL B 20 -1.50 0.64 5.76
N THR B 21 -2.35 1.45 5.13
CA THR B 21 -3.15 2.43 5.85
C THR B 21 -4.42 1.85 6.45
N ARG B 22 -4.65 0.54 6.33
CA ARG B 22 -5.87 -0.09 6.82
C ARG B 22 -5.53 -1.09 7.92
N PHE B 23 -6.31 -1.04 9.00
CA PHE B 23 -6.11 -1.91 10.15
C PHE B 23 -6.62 -3.32 9.84
N MET B 24 -5.79 -4.33 10.17
CA MET B 24 -6.14 -5.72 9.93
C MET B 24 -5.97 -6.53 11.21
N ILE B 25 -6.75 -7.60 11.32
CA ILE B 25 -6.68 -8.52 12.45
C ILE B 25 -6.70 -9.94 11.92
N GLU B 26 -5.82 -10.79 12.47
CA GLU B 26 -5.67 -12.16 12.00
C GLU B 26 -6.66 -13.08 12.69
N CYS B 27 -7.25 -13.98 11.91
CA CYS B 27 -8.13 -15.01 12.46
C CYS B 27 -7.30 -16.15 13.03
N ASP B 28 -7.67 -16.62 14.22
CA ASP B 28 -6.92 -17.67 14.89
C ASP B 28 -7.12 -19.05 14.28
N ALA B 29 -8.19 -19.25 13.51
CA ALA B 29 -8.49 -20.57 12.96
C ALA B 29 -7.90 -20.74 11.55
N CYS B 30 -8.27 -19.85 10.62
CA CYS B 30 -7.79 -19.95 9.25
C CYS B 30 -6.47 -19.20 9.03
N LYS B 31 -5.96 -18.51 10.05
CA LYS B 31 -4.69 -17.81 9.99
C LYS B 31 -4.66 -16.76 8.88
N ASP B 32 -5.79 -16.15 8.60
CA ASP B 32 -5.92 -15.14 7.55
C ASP B 32 -6.19 -13.77 8.16
N TRP B 33 -5.68 -12.74 7.49
CA TRP B 33 -5.82 -11.36 7.94
C TRP B 33 -6.99 -10.70 7.24
N PHE B 34 -7.83 -10.01 8.00
CA PHE B 34 -9.02 -9.37 7.48
C PHE B 34 -9.04 -7.89 7.88
N HIS B 35 -9.48 -7.04 6.97
CA HIS B 35 -9.60 -5.62 7.28
C HIS B 35 -10.64 -5.42 8.38
N GLY B 36 -10.35 -4.49 9.29
CA GLY B 36 -11.24 -4.23 10.39
C GLY B 36 -12.62 -3.76 9.94
N SER B 37 -12.65 -2.89 8.92
CA SER B 37 -13.92 -2.38 8.41
C SER B 37 -14.73 -3.50 7.77
N CYS B 38 -14.07 -4.45 7.09
CA CYS B 38 -14.77 -5.53 6.41
C CYS B 38 -15.50 -6.43 7.40
N VAL B 39 -14.86 -6.74 8.53
CA VAL B 39 -15.41 -7.70 9.49
C VAL B 39 -16.10 -7.00 10.65
N GLY B 40 -16.29 -5.69 10.58
CA GLY B 40 -16.98 -4.98 11.65
C GLY B 40 -16.24 -4.97 12.96
N VAL B 41 -14.91 -4.80 12.91
CA VAL B 41 -14.08 -4.70 14.10
C VAL B 41 -13.27 -3.42 14.00
N GLU B 42 -13.32 -2.60 15.04
CA GLU B 42 -12.58 -1.35 15.08
C GLU B 42 -11.28 -1.53 15.86
N GLU B 43 -10.26 -0.76 15.45
CA GLU B 43 -8.94 -0.89 16.08
C GLU B 43 -8.97 -0.52 17.55
N GLU B 44 -9.88 0.37 17.95
CA GLU B 44 -9.99 0.75 19.35
C GLU B 44 -10.43 -0.43 20.22
N GLU B 45 -11.38 -1.23 19.73
CA GLU B 45 -11.90 -2.37 20.47
C GLU B 45 -11.09 -3.64 20.24
N ALA B 46 -10.09 -3.61 19.36
CA ALA B 46 -9.27 -4.80 19.13
C ALA B 46 -8.54 -5.30 20.38
N PRO B 47 -7.94 -4.45 21.23
CA PRO B 47 -7.27 -4.99 22.43
C PRO B 47 -8.22 -5.70 23.40
N ASP B 48 -9.53 -5.42 23.32
CA ASP B 48 -10.49 -6.06 24.22
C ASP B 48 -10.84 -7.48 23.80
N ILE B 49 -10.36 -7.94 22.64
CA ILE B 49 -10.62 -9.28 22.15
C ILE B 49 -9.51 -10.21 22.64
N ASP B 50 -9.86 -11.44 22.98
CA ASP B 50 -8.90 -12.46 23.40
C ASP B 50 -8.54 -13.40 22.26
N ILE B 51 -9.53 -14.08 21.71
CA ILE B 51 -9.36 -14.95 20.55
C ILE B 51 -10.31 -14.46 19.46
N TYR B 52 -9.77 -14.23 18.27
CA TYR B 52 -10.57 -13.73 17.15
C TYR B 52 -10.78 -14.83 16.12
N HIS B 53 -12.04 -14.99 15.70
CA HIS B 53 -12.40 -15.87 14.59
C HIS B 53 -13.18 -15.06 13.57
N CYS B 54 -12.81 -15.20 12.30
CA CYS B 54 -13.53 -14.52 11.24
C CYS B 54 -14.92 -15.14 11.09
N PRO B 55 -15.85 -14.41 10.47
CA PRO B 55 -17.23 -14.93 10.36
C PRO B 55 -17.32 -16.31 9.72
N ASN B 56 -16.47 -16.60 8.74
CA ASN B 56 -16.46 -17.93 8.15
C ASN B 56 -16.04 -18.99 9.18
N CYS B 57 -15.02 -18.68 9.97
CA CYS B 57 -14.55 -19.65 10.97
C CYS B 57 -15.44 -19.69 12.21
N GLU B 58 -16.13 -18.60 12.53
CA GLU B 58 -17.03 -18.61 13.68
C GLU B 58 -18.19 -19.58 13.50
N LYS B 59 -18.52 -19.94 12.25
CA LYS B 59 -19.63 -20.85 12.02
C LYS B 59 -19.36 -22.23 12.62
N THR B 60 -18.12 -22.70 12.53
CA THR B 60 -17.76 -24.04 12.99
C THR B 60 -16.84 -24.03 14.21
N HIS B 61 -15.86 -23.14 14.25
CA HIS B 61 -14.87 -23.15 15.32
C HIS B 61 -15.29 -22.32 16.54
N GLY B 62 -16.48 -21.74 16.51
CA GLY B 62 -16.99 -21.00 17.65
C GLY B 62 -16.75 -19.50 17.54
N LYS B 63 -17.54 -18.75 18.31
CA LYS B 63 -17.46 -17.30 18.29
C LYS B 63 -16.17 -16.82 18.94
N SER B 64 -15.89 -15.53 18.78
CA SER B 64 -14.68 -14.93 19.33
C SER B 64 -14.78 -14.81 20.86
N THR B 65 -13.61 -14.75 21.48
CA THR B 65 -13.49 -14.68 22.93
C THR B 65 -13.13 -13.27 23.37
N LEU B 66 -13.73 -12.81 24.46
CA LEU B 66 -13.47 -11.49 25.02
C LEU B 66 -12.54 -11.61 26.23
N LYS B 67 -11.50 -10.77 26.25
CA LYS B 67 -10.57 -10.77 27.37
C LYS B 67 -11.24 -10.21 28.62
N LYS B 68 -10.98 -10.85 29.76
CA LYS B 68 -11.56 -10.42 31.02
C LYS B 68 -10.73 -9.32 31.68
N VAL B 86 19.88 9.78 32.47
CA VAL B 86 19.22 9.30 31.26
C VAL B 86 19.86 8.01 30.78
N GLN B 87 19.33 6.88 31.25
CA GLN B 87 19.86 5.59 30.86
C GLN B 87 19.61 5.33 29.38
N ASN B 88 20.51 4.54 28.77
CA ASN B 88 20.38 4.21 27.37
C ASN B 88 19.16 3.33 27.13
N GLY B 89 18.49 3.56 25.99
CA GLY B 89 17.30 2.81 25.64
C GLY B 89 16.00 3.42 26.11
N SER B 90 16.05 4.48 26.91
CA SER B 90 14.85 5.12 27.40
C SER B 90 14.23 6.01 26.32
N GLN B 91 12.98 6.41 26.55
CA GLN B 91 12.29 7.29 25.62
C GLN B 91 12.98 8.64 25.53
N LEU B 92 13.46 9.16 26.66
CA LEU B 92 14.17 10.44 26.65
C LEU B 92 15.51 10.32 25.92
N PHE B 93 16.18 9.18 26.08
CA PHE B 93 17.48 8.99 25.46
C PHE B 93 17.38 8.97 23.93
N ILE B 94 16.39 8.25 23.40
CA ILE B 94 16.24 8.16 21.95
C ILE B 94 15.79 9.50 21.38
N LYS B 95 14.92 10.22 22.11
CA LYS B 95 14.51 11.54 21.66
C LYS B 95 15.68 12.51 21.62
N GLU B 96 16.56 12.45 22.63
CA GLU B 96 17.77 13.27 22.61
C GLU B 96 18.70 12.84 21.48
N LEU B 97 18.79 11.52 21.23
CA LEU B 97 19.63 11.04 20.14
C LEU B 97 19.12 11.53 18.79
N ARG B 98 17.81 11.54 18.60
CA ARG B 98 17.23 12.01 17.34
C ARG B 98 17.38 13.52 17.17
N SER B 99 17.60 14.26 18.25
CA SER B 99 17.76 15.70 18.17
C SER B 99 19.18 16.15 17.94
N ARG B 100 20.16 15.26 18.12
CA ARG B 100 21.56 15.63 17.92
C ARG B 100 21.87 15.79 16.44
N THR B 101 22.89 16.60 16.14
CA THR B 101 23.36 16.82 14.78
C THR B 101 24.69 16.12 14.63
N PHE B 102 24.74 15.14 13.72
CA PHE B 102 25.95 14.38 13.46
C PHE B 102 26.58 14.79 12.14
N PRO B 103 27.90 14.68 12.01
CA PRO B 103 28.52 14.93 10.70
C PRO B 103 28.00 13.97 9.65
N SER B 104 27.85 14.48 8.43
CA SER B 104 27.29 13.68 7.36
C SER B 104 28.19 12.50 7.03
N ALA B 105 27.57 11.35 6.76
CA ALA B 105 28.31 10.14 6.43
C ALA B 105 28.76 10.09 4.98
N GLU B 106 28.31 11.02 4.14
CA GLU B 106 28.68 11.01 2.73
C GLU B 106 30.19 11.18 2.53
N ASP B 107 30.88 11.79 3.49
CA ASP B 107 32.32 11.97 3.37
C ASP B 107 33.06 10.64 3.39
N VAL B 108 32.64 9.72 4.27
CA VAL B 108 33.36 8.48 4.49
C VAL B 108 32.61 7.28 3.92
N VAL B 109 31.29 7.28 3.99
CA VAL B 109 30.48 6.16 3.49
C VAL B 109 30.25 6.37 2.00
N ALA B 110 30.78 5.47 1.19
CA ALA B 110 30.66 5.57 -0.26
C ALA B 110 29.41 4.84 -0.76
N ARG B 111 28.82 5.38 -1.82
CA ARG B 111 27.67 4.76 -2.47
C ARG B 111 28.15 4.14 -3.78
N VAL B 112 28.09 2.81 -3.85
CA VAL B 112 28.63 2.06 -4.99
C VAL B 112 27.52 1.21 -5.59
N PRO B 113 27.44 1.10 -6.92
CA PRO B 113 26.50 0.16 -7.52
C PRO B 113 26.85 -1.28 -7.16
N GLY B 114 25.82 -2.13 -7.14
CA GLY B 114 26.03 -3.51 -6.76
C GLY B 114 26.96 -4.26 -7.70
N SER B 115 26.82 -4.02 -9.02
CA SER B 115 27.66 -4.68 -9.99
C SER B 115 29.12 -4.26 -9.91
N GLN B 116 29.40 -3.09 -9.33
CA GLN B 116 30.75 -2.57 -9.23
C GLN B 116 31.47 -3.00 -7.95
N LEU B 117 30.76 -3.65 -7.02
CA LEU B 117 31.36 -4.09 -5.77
C LEU B 117 31.93 -5.50 -5.98
N THR B 118 33.14 -5.54 -6.52
CA THR B 118 33.82 -6.78 -6.85
C THR B 118 35.08 -6.93 -5.98
N LEU B 119 35.78 -8.05 -6.18
CA LEU B 119 36.99 -8.32 -5.41
C LEU B 119 38.07 -7.29 -5.71
N GLY B 120 38.20 -6.88 -6.98
CA GLY B 120 39.20 -5.89 -7.33
C GLY B 120 38.96 -4.55 -6.64
N TYR B 121 37.69 -4.16 -6.50
CA TYR B 121 37.37 -2.92 -5.80
C TYR B 121 37.80 -2.98 -4.34
N MET B 122 37.57 -4.12 -3.68
CA MET B 122 37.94 -4.26 -2.27
C MET B 122 39.46 -4.19 -2.09
N GLU B 123 40.20 -4.86 -2.98
CA GLU B 123 41.66 -4.78 -2.92
C GLU B 123 42.16 -3.38 -3.21
N GLU B 124 41.55 -2.69 -4.19
CA GLU B 124 41.97 -1.35 -4.54
C GLU B 124 41.74 -0.37 -3.39
N HIS B 125 40.59 -0.48 -2.73
CA HIS B 125 40.22 0.46 -1.67
C HIS B 125 40.58 -0.02 -0.27
N GLY B 126 40.72 -1.32 -0.06
CA GLY B 126 41.14 -1.87 1.21
C GLY B 126 40.01 -2.17 2.18
N PHE B 127 38.79 -1.76 1.88
CA PHE B 127 37.62 -2.00 2.73
C PHE B 127 37.88 -1.47 4.16
N THR B 128 38.16 -0.18 4.24
CA THR B 128 38.39 0.48 5.52
C THR B 128 37.27 1.42 5.93
N GLU B 129 36.28 1.64 5.06
CA GLU B 129 35.15 2.50 5.37
C GLU B 129 33.87 1.83 4.93
N PRO B 130 32.74 2.16 5.56
CA PRO B 130 31.47 1.50 5.21
C PRO B 130 31.06 1.78 3.77
N ILE B 131 30.40 0.81 3.16
CA ILE B 131 29.91 0.89 1.79
C ILE B 131 28.40 0.71 1.81
N LEU B 132 27.68 1.62 1.16
CA LEU B 132 26.24 1.56 1.04
C LEU B 132 25.86 1.29 -0.41
N VAL B 133 25.04 0.27 -0.64
CA VAL B 133 24.57 -0.06 -1.98
C VAL B 133 23.08 0.20 -2.04
N PRO B 134 22.63 1.32 -2.63
CA PRO B 134 21.20 1.66 -2.59
C PRO B 134 20.30 0.62 -3.23
N LYS B 135 20.75 -0.02 -4.32
CA LYS B 135 19.96 -1.01 -5.03
C LYS B 135 20.71 -2.33 -5.03
N LYS B 136 19.99 -3.41 -4.68
CA LYS B 136 20.61 -4.73 -4.58
C LYS B 136 21.02 -5.31 -5.94
N ASP B 137 20.61 -4.67 -7.05
CA ASP B 137 20.95 -5.19 -8.37
C ASP B 137 22.46 -5.21 -8.57
N GLY B 138 22.97 -6.34 -9.06
CA GLY B 138 24.38 -6.51 -9.32
C GLY B 138 25.16 -7.14 -8.18
N LEU B 139 24.62 -7.13 -6.96
CA LEU B 139 25.32 -7.70 -5.81
C LEU B 139 25.26 -9.22 -5.79
N GLY B 140 24.30 -9.84 -6.49
CA GLY B 140 24.05 -11.25 -6.32
C GLY B 140 23.31 -11.60 -5.05
N LEU B 141 22.80 -10.60 -4.34
CA LEU B 141 22.08 -10.86 -3.10
C LEU B 141 20.72 -11.47 -3.38
N ALA B 142 20.38 -12.53 -2.65
CA ALA B 142 19.08 -13.19 -2.75
C ALA B 142 18.30 -12.90 -1.46
N VAL B 143 17.16 -12.24 -1.61
CA VAL B 143 16.30 -11.91 -0.48
C VAL B 143 14.85 -12.14 -0.88
N PRO B 144 13.97 -12.36 0.11
CA PRO B 144 12.55 -12.48 -0.21
C PRO B 144 11.99 -11.18 -0.77
N ALA B 145 10.89 -11.31 -1.49
CA ALA B 145 10.22 -10.14 -2.04
C ALA B 145 9.70 -9.26 -0.90
N PRO B 146 9.52 -7.96 -1.13
CA PRO B 146 9.05 -7.07 -0.06
C PRO B 146 7.72 -7.49 0.55
N THR B 147 6.96 -8.36 -0.11
CA THR B 147 5.76 -8.95 0.49
C THR B 147 6.10 -10.16 1.34
N PHE B 148 7.05 -9.98 2.24
CA PHE B 148 7.48 -11.02 3.18
C PHE B 148 7.50 -10.40 4.58
N TYR B 149 6.65 -10.91 5.47
CA TYR B 149 6.38 -10.27 6.74
C TYR B 149 6.88 -11.13 7.88
N VAL B 150 6.76 -10.58 9.10
CA VAL B 150 7.21 -11.29 10.30
C VAL B 150 6.40 -12.57 10.49
N SER B 151 5.11 -12.53 10.17
CA SER B 151 4.29 -13.74 10.24
C SER B 151 4.84 -14.83 9.33
N ASP B 152 5.36 -14.45 8.16
CA ASP B 152 6.04 -15.41 7.31
C ASP B 152 7.33 -15.91 7.94
N VAL B 153 8.06 -15.02 8.62
CA VAL B 153 9.29 -15.43 9.30
C VAL B 153 8.99 -16.49 10.36
N GLU B 154 7.87 -16.32 11.07
CA GLU B 154 7.50 -17.29 12.10
C GLU B 154 7.24 -18.67 11.50
N ASN B 155 6.57 -18.72 10.35
CA ASN B 155 6.24 -20.01 9.74
C ASN B 155 7.48 -20.75 9.26
N TYR B 156 8.41 -20.05 8.62
CA TYR B 156 9.59 -20.70 8.06
C TYR B 156 10.66 -21.00 9.10
N VAL B 157 10.69 -20.25 10.21
CA VAL B 157 11.64 -20.54 11.27
C VAL B 157 11.07 -21.53 12.28
N GLY B 158 9.80 -21.37 12.64
CA GLY B 158 9.16 -22.24 13.59
C GLY B 158 8.68 -21.48 14.81
N PRO B 159 7.35 -21.42 15.00
CA PRO B 159 6.81 -20.66 16.13
C PRO B 159 7.26 -21.17 17.49
N GLU B 160 7.57 -22.47 17.60
CA GLU B 160 8.01 -23.04 18.87
C GLU B 160 9.49 -22.79 19.15
N ARG B 161 10.24 -22.27 18.18
CA ARG B 161 11.66 -22.03 18.39
C ARG B 161 11.88 -20.92 19.41
N SER B 162 12.83 -21.15 20.31
CA SER B 162 13.20 -20.16 21.31
C SER B 162 14.25 -19.20 20.74
N VAL B 163 14.05 -17.91 21.00
CA VAL B 163 14.91 -16.87 20.45
C VAL B 163 15.35 -15.95 21.58
N ASP B 164 16.40 -15.17 21.31
CA ASP B 164 16.93 -14.20 22.25
C ASP B 164 16.31 -12.83 21.95
N VAL B 165 15.53 -12.31 22.88
CA VAL B 165 14.83 -11.04 22.72
C VAL B 165 15.45 -10.02 23.68
N THR B 166 15.79 -8.85 23.15
CA THR B 166 16.46 -7.81 23.91
C THR B 166 15.44 -6.79 24.38
N ASP B 167 15.36 -6.59 25.70
CA ASP B 167 14.52 -5.54 26.28
C ASP B 167 15.30 -4.24 26.19
N VAL B 168 14.98 -3.42 25.18
CA VAL B 168 15.77 -2.22 24.91
C VAL B 168 15.70 -1.25 26.08
N THR B 169 14.49 -1.04 26.61
CA THR B 169 14.33 -0.09 27.71
C THR B 169 15.07 -0.56 28.96
N LYS B 170 15.00 -1.85 29.26
CA LYS B 170 15.69 -2.40 30.43
C LYS B 170 17.12 -2.82 30.15
N GLN B 171 17.55 -2.83 28.89
CA GLN B 171 18.90 -3.25 28.50
C GLN B 171 19.23 -4.63 29.06
N LYS B 172 18.30 -5.57 28.88
CA LYS B 172 18.46 -6.93 29.37
C LYS B 172 18.05 -7.91 28.28
N ASP B 173 18.52 -9.15 28.43
CA ASP B 173 18.23 -10.22 27.48
C ASP B 173 17.46 -11.33 28.19
N CYS B 174 16.42 -11.83 27.51
CA CYS B 174 15.62 -12.91 28.05
C CYS B 174 15.21 -13.83 26.90
N LYS B 175 15.12 -15.13 27.20
CA LYS B 175 14.78 -16.14 26.21
C LYS B 175 13.27 -16.36 26.19
N MET B 176 12.70 -16.35 24.99
CA MET B 176 11.26 -16.58 24.81
C MET B 176 11.03 -17.22 23.45
N LYS B 177 9.91 -17.91 23.33
CA LYS B 177 9.57 -18.57 22.07
C LYS B 177 9.24 -17.54 21.00
N LEU B 178 9.44 -17.95 19.74
CA LEU B 178 9.22 -17.05 18.61
C LEU B 178 7.74 -16.64 18.53
N LYS B 179 6.83 -17.58 18.81
CA LYS B 179 5.41 -17.25 18.76
C LYS B 179 5.04 -16.21 19.80
N GLU B 180 5.70 -16.23 20.97
CA GLU B 180 5.42 -15.23 21.99
C GLU B 180 5.86 -13.85 21.54
N PHE B 181 7.02 -13.75 20.87
CA PHE B 181 7.49 -12.46 20.39
C PHE B 181 6.61 -11.91 19.27
N VAL B 182 6.22 -12.77 18.33
CA VAL B 182 5.39 -12.30 17.22
C VAL B 182 4.00 -11.92 17.71
N ASP B 183 3.54 -12.53 18.81
CA ASP B 183 2.32 -12.06 19.44
C ASP B 183 2.48 -10.63 19.95
N TYR B 184 3.64 -10.34 20.55
CA TYR B 184 3.95 -8.97 20.94
C TYR B 184 4.07 -8.05 19.72
N TYR B 185 4.71 -8.55 18.65
CA TYR B 185 4.96 -7.73 17.48
C TYR B 185 3.66 -7.28 16.82
N TYR B 186 2.72 -8.20 16.64
CA TYR B 186 1.44 -7.89 16.01
C TYR B 186 0.38 -7.57 17.05
N SER B 187 0.62 -6.50 17.80
CA SER B 187 -0.33 -6.02 18.79
C SER B 187 -0.29 -4.50 18.81
N THR B 188 -1.42 -3.91 19.19
CA THR B 188 -1.52 -2.46 19.28
C THR B 188 -1.05 -1.97 20.64
N ASN B 189 -0.50 -0.75 20.65
CA ASN B 189 -0.02 -0.10 21.87
C ASN B 189 1.02 -0.96 22.59
N ARG B 190 2.15 -1.16 21.91
CA ARG B 190 3.25 -1.90 22.50
C ARG B 190 3.79 -1.18 23.73
N LYS B 191 3.57 -1.76 24.92
CA LYS B 191 4.06 -1.14 26.14
C LYS B 191 5.57 -1.27 26.28
N ARG B 192 6.15 -2.32 25.71
CA ARG B 192 7.58 -2.59 25.81
C ARG B 192 8.24 -2.44 24.45
N VAL B 193 9.56 -2.29 24.48
CA VAL B 193 10.38 -2.17 23.29
C VAL B 193 11.27 -3.40 23.25
N LEU B 194 10.92 -4.37 22.41
CA LEU B 194 11.62 -5.65 22.33
C LEU B 194 12.16 -5.86 20.93
N ASN B 195 13.41 -6.31 20.85
CA ASN B 195 14.10 -6.51 19.58
C ASN B 195 14.59 -7.95 19.47
N VAL B 196 14.74 -8.41 18.23
CA VAL B 196 15.35 -9.70 17.92
C VAL B 196 16.52 -9.42 16.99
N THR B 197 17.74 -9.66 17.47
CA THR B 197 18.94 -9.41 16.70
C THR B 197 19.90 -10.59 16.65
N ASN B 198 19.60 -11.68 17.38
CA ASN B 198 20.45 -12.85 17.43
C ASN B 198 19.72 -14.08 16.89
N LEU B 199 18.95 -13.89 15.82
CA LEU B 199 18.19 -14.96 15.19
C LEU B 199 18.95 -15.43 13.96
N GLU B 200 19.65 -16.55 14.08
CA GLU B 200 20.36 -17.17 12.97
C GLU B 200 19.52 -18.33 12.46
N PHE B 201 19.08 -18.23 11.20
CA PHE B 201 18.10 -19.16 10.65
C PHE B 201 18.70 -20.08 9.58
N SER B 202 20.01 -20.26 9.58
CA SER B 202 20.64 -21.16 8.61
C SER B 202 20.26 -22.62 8.82
N ASP B 203 19.67 -22.96 9.97
CA ASP B 203 19.22 -24.31 10.26
C ASP B 203 17.70 -24.46 10.12
N THR B 204 17.05 -23.52 9.45
CA THR B 204 15.60 -23.53 9.26
C THR B 204 15.29 -23.51 7.77
N ARG B 205 13.98 -23.61 7.46
CA ARG B 205 13.54 -23.56 6.07
C ARG B 205 13.81 -22.20 5.45
N MET B 206 13.81 -21.13 6.26
CA MET B 206 14.00 -19.78 5.75
C MET B 206 15.42 -19.54 5.22
N SER B 207 16.36 -20.43 5.51
CA SER B 207 17.73 -20.25 5.04
C SER B 207 17.80 -20.27 3.52
N SER B 208 16.95 -21.05 2.86
CA SER B 208 16.96 -21.13 1.41
C SER B 208 16.43 -19.86 0.74
N PHE B 209 15.85 -18.94 1.51
CA PHE B 209 15.33 -17.70 0.95
C PHE B 209 16.37 -16.59 0.90
N VAL B 210 17.41 -16.65 1.71
CA VAL B 210 18.42 -15.60 1.82
C VAL B 210 19.78 -16.18 1.46
N GLU B 211 20.48 -15.51 0.54
CA GLU B 211 21.83 -15.91 0.16
C GLU B 211 22.73 -14.69 0.29
N PRO B 212 23.89 -14.81 0.95
CA PRO B 212 24.74 -13.64 1.15
C PRO B 212 25.26 -13.12 -0.17
N PRO B 213 25.61 -11.84 -0.23
CA PRO B 213 26.11 -11.26 -1.48
C PRO B 213 27.38 -11.94 -1.95
N ASP B 214 27.60 -11.91 -3.27
CA ASP B 214 28.74 -12.61 -3.86
C ASP B 214 30.06 -12.08 -3.34
N ILE B 215 30.15 -10.77 -3.10
CA ILE B 215 31.39 -10.21 -2.59
C ILE B 215 31.68 -10.73 -1.18
N VAL B 216 30.63 -10.95 -0.38
CA VAL B 216 30.83 -11.52 0.95
C VAL B 216 31.38 -12.94 0.85
N LYS B 217 30.82 -13.74 -0.06
CA LYS B 217 31.30 -15.12 -0.21
C LYS B 217 32.73 -15.15 -0.74
N LYS B 218 33.08 -14.22 -1.63
CA LYS B 218 34.45 -14.15 -2.12
C LYS B 218 35.43 -13.85 -1.00
N LEU B 219 35.07 -12.93 -0.10
CA LEU B 219 35.96 -12.50 0.96
C LEU B 219 35.88 -13.37 2.22
N SER B 220 34.87 -14.24 2.32
CA SER B 220 34.68 -14.99 3.55
C SER B 220 35.78 -16.03 3.72
N TRP B 221 36.39 -16.06 4.91
CA TRP B 221 37.38 -17.09 5.22
C TRP B 221 36.73 -18.46 5.34
N VAL B 222 35.57 -18.53 6.01
CA VAL B 222 34.90 -19.81 6.21
C VAL B 222 34.41 -20.38 4.89
N GLU B 223 33.93 -19.52 3.99
CA GLU B 223 33.42 -19.98 2.71
C GLU B 223 34.53 -20.61 1.86
N ASN B 224 35.74 -20.07 1.95
CA ASN B 224 36.85 -20.52 1.11
C ASN B 224 37.74 -21.54 1.77
N TYR B 225 38.09 -21.37 3.04
CA TYR B 225 39.16 -22.13 3.66
C TYR B 225 38.68 -23.12 4.73
N TRP B 226 37.38 -23.20 4.97
CA TRP B 226 36.86 -24.17 5.94
C TRP B 226 36.46 -25.44 5.21
N PRO B 227 37.12 -26.57 5.48
CA PRO B 227 36.80 -27.80 4.75
C PRO B 227 35.38 -28.27 5.03
N ASP B 228 34.78 -28.91 4.02
CA ASP B 228 33.43 -29.46 4.17
C ASP B 228 33.42 -30.69 5.07
N ASP B 229 34.57 -31.37 5.23
CA ASP B 229 34.67 -32.56 6.04
C ASP B 229 35.25 -32.29 7.42
N ALA B 230 35.42 -31.03 7.79
CA ALA B 230 35.99 -30.69 9.10
C ALA B 230 35.08 -31.18 10.22
N LEU B 231 35.71 -31.73 11.27
CA LEU B 231 34.94 -32.22 12.40
C LEU B 231 34.22 -31.09 13.14
N LEU B 232 34.81 -29.90 13.15
CA LEU B 232 34.16 -28.75 13.77
C LEU B 232 33.20 -28.10 12.78
N ALA B 233 32.00 -27.79 13.26
CA ALA B 233 30.99 -27.15 12.41
C ALA B 233 31.38 -25.71 12.10
N LYS B 234 30.94 -25.24 10.94
CA LYS B 234 31.21 -23.87 10.54
C LYS B 234 30.50 -22.89 11.47
N PRO B 235 31.08 -21.70 11.68
CA PRO B 235 30.44 -20.71 12.56
C PRO B 235 29.04 -20.35 12.05
N LYS B 236 28.10 -20.23 12.99
CA LYS B 236 26.70 -19.99 12.66
C LYS B 236 26.42 -18.48 12.70
N VAL B 237 27.00 -17.79 11.73
CA VAL B 237 26.85 -16.34 11.62
C VAL B 237 26.49 -15.96 10.19
N THR B 238 26.13 -16.95 9.37
CA THR B 238 25.97 -16.69 7.94
C THR B 238 24.68 -15.95 7.64
N LYS B 239 23.58 -16.31 8.29
CA LYS B 239 22.26 -15.76 7.96
C LYS B 239 21.56 -15.34 9.25
N TYR B 240 21.53 -14.04 9.50
CA TYR B 240 20.81 -13.48 10.64
C TYR B 240 19.51 -12.82 10.17
N CYS B 241 18.47 -12.96 10.98
CA CYS B 241 17.21 -12.26 10.76
C CYS B 241 16.99 -11.28 11.90
N LEU B 242 16.77 -10.02 11.57
CA LEU B 242 16.62 -8.96 12.56
C LEU B 242 15.20 -8.40 12.51
N ILE B 243 14.54 -8.38 13.66
CA ILE B 243 13.21 -7.80 13.80
C ILE B 243 13.30 -6.72 14.88
N CYS B 244 13.13 -5.46 14.47
CA CYS B 244 13.25 -4.33 15.38
C CYS B 244 11.95 -3.53 15.36
N VAL B 245 11.39 -3.29 16.55
CA VAL B 245 10.16 -2.52 16.68
C VAL B 245 10.48 -1.03 16.58
N LYS B 246 9.45 -0.21 16.43
CA LYS B 246 9.66 1.23 16.30
C LYS B 246 10.26 1.81 17.57
N ASP B 247 11.11 2.82 17.40
CA ASP B 247 11.78 3.51 18.49
C ASP B 247 12.59 2.56 19.36
N SER B 248 13.31 1.64 18.72
CA SER B 248 14.22 0.73 19.41
C SER B 248 15.66 1.16 19.17
N TYR B 249 16.54 0.69 20.05
CA TYR B 249 17.91 1.17 20.06
C TYR B 249 18.87 0.04 20.43
N THR B 250 20.05 0.07 19.82
CA THR B 250 21.14 -0.83 20.16
C THR B 250 22.39 0.01 20.39
N ASP B 251 23.08 -0.24 21.51
CA ASP B 251 24.19 0.60 21.92
C ASP B 251 25.44 0.30 21.08
N PHE B 252 26.44 1.16 21.23
CA PHE B 252 27.68 1.01 20.47
C PHE B 252 28.38 -0.28 20.84
N HIS B 253 28.95 -0.94 19.82
CA HIS B 253 29.67 -2.19 20.03
C HIS B 253 30.52 -2.46 18.79
N ILE B 254 31.41 -3.43 18.93
CA ILE B 254 32.23 -3.94 17.83
C ILE B 254 31.81 -5.38 17.56
N ASP B 255 31.66 -5.72 16.28
CA ASP B 255 31.25 -7.07 15.91
C ASP B 255 32.24 -8.10 16.43
N SER B 256 31.72 -9.25 16.83
CA SER B 256 32.54 -10.29 17.45
C SER B 256 33.65 -10.75 16.52
N GLY B 257 34.86 -10.85 17.05
CA GLY B 257 36.00 -11.27 16.26
C GLY B 257 36.42 -10.30 15.19
N GLY B 258 36.00 -9.04 15.29
CA GLY B 258 36.29 -8.07 14.24
C GLY B 258 35.68 -8.44 12.92
N ALA B 259 34.58 -9.19 12.92
CA ALA B 259 33.99 -9.67 11.68
C ALA B 259 33.26 -8.53 10.96
N SER B 260 33.54 -8.38 9.67
CA SER B 260 32.78 -7.46 8.85
C SER B 260 31.36 -7.98 8.66
N ALA B 261 30.42 -7.07 8.44
CA ALA B 261 29.01 -7.42 8.37
C ALA B 261 28.36 -6.76 7.17
N TRP B 262 27.29 -7.39 6.70
CA TRP B 262 26.43 -6.84 5.65
C TRP B 262 25.00 -6.80 6.17
N TYR B 263 24.34 -5.66 5.99
CA TYR B 263 22.97 -5.46 6.44
C TYR B 263 22.10 -5.12 5.24
N HIS B 264 20.97 -5.81 5.11
CA HIS B 264 19.98 -5.51 4.08
C HIS B 264 18.62 -5.35 4.74
N VAL B 265 17.94 -4.25 4.40
CA VAL B 265 16.65 -3.91 5.00
C VAL B 265 15.56 -4.26 3.99
N LEU B 266 14.79 -5.30 4.28
CA LEU B 266 13.68 -5.66 3.41
C LEU B 266 12.51 -4.69 3.57
N LYS B 267 12.19 -4.33 4.81
CA LYS B 267 11.10 -3.40 5.10
C LYS B 267 11.55 -2.44 6.19
N GLY B 268 11.15 -1.18 6.06
CA GLY B 268 11.48 -0.17 7.05
C GLY B 268 12.82 0.50 6.77
N GLU B 269 13.37 1.09 7.82
CA GLU B 269 14.68 1.72 7.74
C GLU B 269 15.37 1.62 9.09
N LYS B 270 16.70 1.71 9.06
CA LYS B 270 17.51 1.66 10.26
C LYS B 270 18.68 2.63 10.11
N THR B 271 18.99 3.35 11.19
CA THR B 271 20.03 4.38 11.19
C THR B 271 21.25 3.85 11.93
N PHE B 272 22.42 3.96 11.29
CA PHE B 272 23.68 3.49 11.86
C PHE B 272 24.54 4.69 12.25
N TYR B 273 25.06 4.66 13.47
CA TYR B 273 25.99 5.69 13.96
C TYR B 273 27.36 5.06 14.03
N LEU B 274 28.24 5.45 13.11
CA LEU B 274 29.50 4.77 12.87
C LEU B 274 30.67 5.55 13.45
N ILE B 275 31.59 4.84 14.11
CA ILE B 275 32.81 5.41 14.67
C ILE B 275 33.99 4.64 14.09
N ARG B 276 34.97 5.37 13.56
CA ARG B 276 36.12 4.73 12.93
C ARG B 276 36.91 3.94 13.97
N PRO B 277 37.36 2.70 13.64
CA PRO B 277 38.10 1.86 14.59
C PRO B 277 39.56 2.28 14.79
N ALA B 278 39.77 3.55 15.11
CA ALA B 278 41.11 4.02 15.41
C ALA B 278 41.56 3.44 16.75
N SER B 279 42.88 3.42 16.95
CA SER B 279 43.44 2.87 18.19
C SER B 279 42.91 3.62 19.41
N ALA B 280 42.79 4.94 19.29
CA ALA B 280 42.20 5.72 20.37
C ALA B 280 40.75 5.34 20.60
N ASN B 281 39.97 5.21 19.52
CA ASN B 281 38.56 4.86 19.65
C ASN B 281 38.37 3.46 20.22
N ILE B 282 39.21 2.51 19.80
CA ILE B 282 39.11 1.15 20.33
C ILE B 282 39.44 1.13 21.81
N SER B 283 40.48 1.85 22.22
CA SER B 283 40.82 1.93 23.63
C SER B 283 39.71 2.60 24.43
N LEU B 284 39.14 3.69 23.89
CA LEU B 284 38.03 4.35 24.57
C LEU B 284 36.81 3.44 24.65
N TYR B 285 36.55 2.67 23.58
CA TYR B 285 35.44 1.73 23.60
C TYR B 285 35.64 0.67 24.68
N GLU B 286 36.85 0.15 24.82
CA GLU B 286 37.12 -0.84 25.86
C GLU B 286 36.92 -0.25 27.24
N ARG B 287 37.44 0.95 27.48
CA ARG B 287 37.28 1.59 28.78
C ARG B 287 35.81 1.92 29.06
N TRP B 288 35.09 2.44 28.05
CA TRP B 288 33.68 2.75 28.23
C TRP B 288 32.87 1.49 28.47
N ARG B 289 33.11 0.43 27.69
CA ARG B 289 32.34 -0.79 27.83
C ARG B 289 32.63 -1.48 29.17
N SER B 290 33.85 -1.36 29.68
CA SER B 290 34.19 -2.00 30.94
C SER B 290 33.55 -1.30 32.13
N ALA B 291 33.24 -0.02 32.00
CA ALA B 291 32.66 0.74 33.10
C ALA B 291 31.27 0.21 33.44
N SER B 292 30.95 0.19 34.74
CA SER B 292 29.65 -0.30 35.18
C SER B 292 28.53 0.64 34.78
N ASN B 293 28.82 1.94 34.65
CA ASN B 293 27.83 2.93 34.25
C ASN B 293 27.82 3.18 32.74
N HIS B 294 28.19 2.19 31.94
CA HIS B 294 28.20 2.37 30.49
C HIS B 294 26.81 2.60 29.94
N SER B 295 25.78 2.09 30.62
CA SER B 295 24.41 2.33 30.20
C SER B 295 23.94 3.75 30.49
N GLU B 296 24.71 4.52 31.26
CA GLU B 296 24.39 5.91 31.57
C GLU B 296 25.31 6.88 30.86
N MET B 297 26.07 6.44 29.86
CA MET B 297 26.99 7.28 29.12
C MET B 297 26.75 7.13 27.63
N PHE B 298 26.81 8.24 26.91
CA PHE B 298 26.70 8.25 25.46
C PHE B 298 28.11 8.23 24.88
N PHE B 299 28.49 7.10 24.28
CA PHE B 299 29.88 6.90 23.87
C PHE B 299 30.28 7.84 22.74
N ALA B 300 29.33 8.28 21.92
CA ALA B 300 29.67 9.19 20.82
C ALA B 300 30.22 10.51 21.32
N ASP B 301 29.88 10.91 22.55
CA ASP B 301 30.43 12.13 23.14
C ASP B 301 31.90 11.99 23.51
N GLN B 302 32.45 10.77 23.53
CA GLN B 302 33.84 10.55 23.87
C GLN B 302 34.75 10.46 22.65
N VAL B 303 34.19 10.34 21.45
CA VAL B 303 34.98 10.20 20.24
C VAL B 303 34.97 11.52 19.47
N ASP B 304 35.84 11.61 18.46
CA ASP B 304 35.96 12.86 17.71
C ASP B 304 34.76 13.07 16.80
N LYS B 305 34.54 12.15 15.86
CA LYS B 305 33.47 12.27 14.88
C LYS B 305 32.67 10.97 14.84
N CYS B 306 31.35 11.09 14.84
CA CYS B 306 30.44 9.95 14.74
C CYS B 306 29.52 10.20 13.55
N TYR B 307 29.64 9.38 12.53
CA TYR B 307 28.90 9.57 11.29
C TYR B 307 27.57 8.83 11.35
N LYS B 308 26.48 9.52 11.01
CA LYS B 308 25.15 8.94 10.99
C LYS B 308 24.79 8.56 9.56
N CYS B 309 24.60 7.27 9.32
CA CYS B 309 24.22 6.75 8.02
C CYS B 309 22.85 6.10 8.11
N ILE B 310 21.97 6.48 7.20
CA ILE B 310 20.61 5.96 7.16
C ILE B 310 20.53 4.89 6.08
N VAL B 311 20.13 3.68 6.46
CA VAL B 311 19.93 2.58 5.53
C VAL B 311 18.43 2.34 5.44
N LYS B 312 17.87 2.60 4.26
CA LYS B 312 16.43 2.51 4.04
C LYS B 312 16.09 1.20 3.34
N GLN B 313 14.82 1.07 2.96
CA GLN B 313 14.34 -0.17 2.35
C GLN B 313 15.04 -0.43 1.03
N GLY B 314 15.51 -1.67 0.85
CA GLY B 314 16.19 -2.08 -0.35
C GLY B 314 17.66 -1.77 -0.41
N GLN B 315 18.20 -1.08 0.59
CA GLN B 315 19.61 -0.71 0.61
C GLN B 315 20.42 -1.74 1.40
N THR B 316 21.69 -1.88 1.02
CA THR B 316 22.60 -2.81 1.66
C THR B 316 23.81 -2.05 2.20
N LEU B 317 24.15 -2.29 3.46
CA LEU B 317 25.26 -1.62 4.12
C LEU B 317 26.32 -2.65 4.48
N PHE B 318 27.57 -2.37 4.11
CA PHE B 318 28.71 -3.22 4.43
C PHE B 318 29.56 -2.51 5.47
N ILE B 319 29.65 -3.08 6.66
CA ILE B 319 30.40 -2.50 7.77
C ILE B 319 31.75 -3.19 7.84
N PRO B 320 32.87 -2.45 7.81
CA PRO B 320 34.18 -3.10 7.84
C PRO B 320 34.54 -3.65 9.20
N SER B 321 35.78 -4.15 9.33
CA SER B 321 36.23 -4.80 10.54
C SER B 321 36.52 -3.77 11.64
N GLY B 322 35.99 -4.01 12.83
CA GLY B 322 36.34 -3.25 14.01
C GLY B 322 35.55 -1.97 14.22
N TRP B 323 34.70 -1.59 13.27
CA TRP B 323 33.97 -0.33 13.40
C TRP B 323 32.99 -0.38 14.58
N ILE B 324 32.97 0.70 15.35
CA ILE B 324 32.08 0.82 16.51
C ILE B 324 30.81 1.50 16.03
N TYR B 325 29.70 0.75 16.00
CA TYR B 325 28.45 1.26 15.46
C TYR B 325 27.30 0.99 16.40
N ALA B 326 26.31 1.88 16.34
CA ALA B 326 25.06 1.75 17.08
C ALA B 326 23.90 2.02 16.13
N THR B 327 22.76 1.39 16.41
CA THR B 327 21.61 1.45 15.51
C THR B 327 20.40 2.06 16.22
N LEU B 328 19.64 2.84 15.47
CA LEU B 328 18.37 3.40 15.91
C LEU B 328 17.29 3.03 14.89
N THR B 329 16.17 2.51 15.38
CA THR B 329 15.11 2.03 14.50
C THR B 329 13.87 2.91 14.66
N PRO B 330 13.61 3.83 13.72
CA PRO B 330 12.47 4.75 13.89
C PRO B 330 11.12 4.12 13.58
N VAL B 331 11.08 3.21 12.61
CA VAL B 331 9.87 2.51 12.24
C VAL B 331 10.18 1.02 12.18
N ASP B 332 9.11 0.21 12.22
CA ASP B 332 9.26 -1.24 12.19
C ASP B 332 10.15 -1.68 11.05
N CYS B 333 11.21 -2.42 11.37
CA CYS B 333 12.25 -2.78 10.41
C CYS B 333 12.48 -4.28 10.42
N LEU B 334 12.41 -4.90 9.24
CA LEU B 334 12.76 -6.30 9.06
C LEU B 334 14.03 -6.34 8.22
N ALA B 335 15.08 -6.94 8.77
CA ALA B 335 16.39 -6.90 8.15
C ALA B 335 17.04 -8.29 8.19
N PHE B 336 17.97 -8.50 7.26
CA PHE B 336 18.78 -9.71 7.20
C PHE B 336 20.24 -9.32 7.22
N ALA B 337 21.03 -10.00 8.05
CA ALA B 337 22.42 -9.64 8.25
C ALA B 337 23.29 -10.88 8.25
N GLY B 338 24.59 -10.68 8.10
CA GLY B 338 25.55 -11.77 8.15
C GLY B 338 26.93 -11.25 8.48
N HIS B 339 27.73 -12.11 9.11
CA HIS B 339 29.08 -11.78 9.53
C HIS B 339 30.09 -12.64 8.78
N PHE B 340 31.28 -12.08 8.53
CA PHE B 340 32.31 -12.79 7.80
C PHE B 340 33.67 -12.21 8.15
N LEU B 341 34.71 -12.99 7.84
CA LEU B 341 36.09 -12.59 8.02
C LEU B 341 36.79 -12.54 6.67
N HIS B 342 37.66 -11.56 6.49
CA HIS B 342 38.40 -11.40 5.24
C HIS B 342 39.85 -11.05 5.54
N SER B 343 40.70 -11.27 4.54
CA SER B 343 42.14 -11.10 4.68
C SER B 343 42.60 -9.65 4.63
N LEU B 344 41.71 -8.71 4.27
CA LEU B 344 42.09 -7.31 4.18
C LEU B 344 42.22 -6.63 5.53
N SER B 345 41.74 -7.25 6.60
CA SER B 345 41.75 -6.65 7.94
C SER B 345 42.17 -7.68 8.97
N VAL B 346 43.23 -8.43 8.68
CA VAL B 346 43.70 -9.46 9.61
C VAL B 346 44.12 -8.84 10.94
N GLU B 347 44.86 -7.74 10.89
CA GLU B 347 45.30 -7.09 12.12
C GLU B 347 44.12 -6.57 12.94
N MET B 348 43.15 -5.93 12.28
CA MET B 348 42.01 -5.38 12.99
C MET B 348 41.16 -6.47 13.61
N GLN B 349 40.97 -7.59 12.90
CA GLN B 349 40.17 -8.69 13.44
C GLN B 349 40.81 -9.27 14.70
N MET B 350 42.13 -9.43 14.70
CA MET B 350 42.80 -9.97 15.89
C MET B 350 42.68 -9.03 17.08
N ARG B 351 42.83 -7.72 16.86
CA ARG B 351 42.75 -6.78 17.97
C ARG B 351 41.37 -6.78 18.60
N ALA B 352 40.31 -6.77 17.77
CA ALA B 352 38.96 -6.79 18.31
C ALA B 352 38.69 -8.06 19.08
N TYR B 353 39.25 -9.18 18.64
CA TYR B 353 39.13 -10.44 19.38
C TYR B 353 39.82 -10.33 20.73
N GLU B 354 41.00 -9.71 20.78
CA GLU B 354 41.70 -9.54 22.05
C GLU B 354 40.93 -8.62 22.98
N VAL B 355 40.38 -7.52 22.46
CA VAL B 355 39.55 -6.64 23.28
C VAL B 355 38.32 -7.38 23.78
N GLU B 356 37.69 -8.17 22.90
CA GLU B 356 36.51 -8.93 23.29
C GLU B 356 36.82 -9.92 24.41
N ARG B 357 37.97 -10.61 24.32
CA ARG B 357 38.32 -11.58 25.35
C ARG B 357 38.58 -10.91 26.68
N ARG B 358 39.18 -9.71 26.66
CA ARG B 358 39.43 -9.00 27.91
C ARG B 358 38.13 -8.52 28.55
N LEU B 359 37.12 -8.19 27.75
CA LEU B 359 35.86 -7.71 28.30
C LEU B 359 35.06 -8.82 28.97
N LYS B 360 35.21 -10.06 28.47
CA LYS B 360 34.51 -11.22 29.03
C LYS B 360 33.00 -11.01 29.07
N LEU B 361 32.46 -10.42 28.00
CA LEU B 361 31.03 -10.15 27.92
C LEU B 361 30.27 -11.43 27.56
N GLY B 362 28.94 -11.32 27.53
CA GLY B 362 28.09 -12.44 27.20
C GLY B 362 28.36 -13.02 25.83
N SER B 363 28.43 -14.34 25.74
CA SER B 363 28.68 -15.04 24.47
C SER B 363 27.40 -15.30 23.71
N LEU B 364 26.62 -14.24 23.48
CA LEU B 364 25.36 -14.33 22.74
C LEU B 364 25.55 -13.98 21.28
N THR B 365 26.08 -12.80 20.99
CA THR B 365 26.39 -12.37 19.64
C THR B 365 27.84 -12.69 19.25
N GLN B 366 28.45 -13.69 19.90
CA GLN B 366 29.84 -14.02 19.66
C GLN B 366 30.02 -14.73 18.33
N PHE B 367 31.27 -14.85 17.91
CA PHE B 367 31.64 -15.53 16.68
C PHE B 367 32.18 -16.91 17.04
N PRO B 368 31.42 -17.98 16.83
CA PRO B 368 31.90 -19.32 17.23
C PRO B 368 33.14 -19.72 16.43
N ASN B 369 34.09 -20.36 17.13
CA ASN B 369 35.29 -20.91 16.53
C ASN B 369 36.04 -19.87 15.70
N PHE B 370 36.24 -18.69 16.30
CA PHE B 370 37.06 -17.67 15.65
C PHE B 370 38.50 -18.16 15.48
N GLU B 371 39.05 -18.80 16.51
CA GLU B 371 40.41 -19.31 16.42
C GLU B 371 40.53 -20.41 15.38
N THR B 372 39.51 -21.27 15.27
CA THR B 372 39.54 -22.35 14.30
C THR B 372 39.64 -21.81 12.88
N ALA B 373 38.91 -20.72 12.58
CA ALA B 373 39.02 -20.09 11.27
C ALA B 373 40.43 -19.55 11.05
N CYS B 374 41.04 -18.98 12.08
CA CYS B 374 42.39 -18.47 11.96
C CYS B 374 43.39 -19.60 11.70
N TRP B 375 43.19 -20.75 12.36
CA TRP B 375 44.07 -21.89 12.13
C TRP B 375 43.96 -22.39 10.68
N TYR B 376 42.73 -22.47 10.16
CA TYR B 376 42.56 -22.86 8.77
C TYR B 376 43.16 -21.82 7.82
N MET B 377 43.01 -20.54 8.16
CA MET B 377 43.64 -19.50 7.35
C MET B 377 45.16 -19.62 7.39
N GLY B 378 45.72 -19.92 8.56
CA GLY B 378 47.16 -20.12 8.66
C GLY B 378 47.65 -21.26 7.80
N LYS B 379 46.89 -22.37 7.78
CA LYS B 379 47.24 -23.48 6.90
C LYS B 379 47.16 -23.07 5.44
N HIS B 380 46.13 -22.28 5.08
CA HIS B 380 46.02 -21.79 3.71
C HIS B 380 47.19 -20.89 3.35
N LEU B 381 47.62 -20.03 4.28
CA LEU B 381 48.75 -19.14 4.01
C LEU B 381 50.02 -19.93 3.75
N LEU B 382 50.25 -20.99 4.52
CA LEU B 382 51.42 -21.84 4.27
C LEU B 382 51.33 -22.50 2.90
N GLU B 383 50.14 -22.97 2.53
CA GLU B 383 49.94 -23.51 1.18
C GLU B 383 50.14 -22.43 0.12
N ALA B 384 49.65 -21.21 0.41
CA ALA B 384 49.87 -20.10 -0.52
C ALA B 384 51.33 -19.76 -0.66
N PHE B 385 52.09 -19.82 0.45
CA PHE B 385 53.53 -19.58 0.39
C PHE B 385 54.22 -20.61 -0.51
N LYS B 386 53.86 -21.88 -0.35
CA LYS B 386 54.43 -22.93 -1.20
C LYS B 386 54.02 -22.75 -2.65
N GLY B 387 52.75 -22.42 -2.88
CA GLY B 387 52.29 -22.18 -4.25
C GLY B 387 52.99 -20.99 -4.89
N SER B 388 53.30 -19.96 -4.10
CA SER B 388 54.05 -18.82 -4.63
C SER B 388 55.42 -19.24 -5.10
N HIS B 389 56.08 -20.14 -4.36
CA HIS B 389 57.38 -20.65 -4.79
C HIS B 389 57.27 -21.43 -6.09
N LYS B 390 56.24 -22.27 -6.22
CA LYS B 390 56.07 -23.06 -7.43
C LYS B 390 55.67 -22.20 -8.61
N SER B 391 54.75 -21.25 -8.40
CA SER B 391 54.31 -20.39 -9.49
C SER B 391 55.39 -19.39 -9.89
N GLY B 392 56.27 -19.02 -8.96
CA GLY B 392 57.34 -18.08 -9.26
C GLY B 392 57.02 -16.63 -9.00
N LYS B 393 56.05 -16.34 -8.12
CA LYS B 393 55.67 -14.98 -7.81
C LYS B 393 55.61 -14.80 -6.30
N GLN B 394 55.72 -13.55 -5.86
CA GLN B 394 55.66 -13.22 -4.44
C GLN B 394 54.21 -13.10 -3.98
N LEU B 395 53.98 -13.43 -2.72
CA LEU B 395 52.68 -13.17 -2.10
C LEU B 395 52.50 -11.66 -1.89
N PRO B 396 51.27 -11.18 -1.91
CA PRO B 396 51.01 -9.76 -1.60
C PRO B 396 51.50 -9.41 -0.21
N PRO B 397 52.01 -8.19 -0.02
CA PRO B 397 52.56 -7.82 1.29
C PRO B 397 51.56 -7.91 2.44
N HIS B 398 50.28 -7.63 2.19
CA HIS B 398 49.30 -7.70 3.27
C HIS B 398 49.08 -9.13 3.73
N LEU B 399 49.16 -10.10 2.83
CA LEU B 399 49.08 -11.50 3.24
C LEU B 399 50.30 -11.89 4.08
N VAL B 400 51.48 -11.38 3.73
CA VAL B 400 52.68 -11.66 4.52
C VAL B 400 52.55 -11.07 5.92
N GLN B 401 52.10 -9.82 6.01
CA GLN B 401 51.87 -9.21 7.32
C GLN B 401 50.76 -9.93 8.07
N GLY B 402 49.68 -10.29 7.38
CA GLY B 402 48.62 -11.06 8.01
C GLY B 402 49.11 -12.42 8.48
N ALA B 403 50.00 -13.04 7.71
CA ALA B 403 50.60 -14.30 8.14
C ALA B 403 51.43 -14.10 9.41
N LYS B 404 52.20 -13.00 9.47
CA LYS B 404 53.01 -12.74 10.67
C LYS B 404 52.12 -12.49 11.88
N ILE B 405 51.02 -11.77 11.69
CA ILE B 405 50.10 -11.51 12.79
C ILE B 405 49.42 -12.80 13.24
N LEU B 406 48.97 -13.63 12.28
CA LEU B 406 48.38 -14.91 12.64
C LEU B 406 49.41 -15.83 13.29
N ASN B 407 50.65 -15.83 12.80
CA ASN B 407 51.68 -16.67 13.39
C ASN B 407 51.96 -16.28 14.83
N GLY B 408 51.98 -14.98 15.12
CA GLY B 408 52.13 -14.53 16.49
C GLY B 408 50.98 -14.97 17.38
N ALA B 409 49.76 -14.93 16.84
CA ALA B 409 48.60 -15.44 17.58
C ALA B 409 48.71 -16.93 17.82
N PHE B 410 49.25 -17.68 16.84
CA PHE B 410 49.39 -19.12 17.00
C PHE B 410 50.34 -19.45 18.15
N ARG B 411 51.44 -18.70 18.28
CA ARG B 411 52.37 -18.95 19.37
C ARG B 411 51.72 -18.71 20.73
N SER B 412 50.95 -17.62 20.85
CA SER B 412 50.31 -17.29 22.12
C SER B 412 49.28 -18.35 22.49
N TRP B 413 48.53 -18.85 21.51
CA TRP B 413 47.53 -19.88 21.79
C TRP B 413 48.18 -21.22 22.09
N THR B 414 49.37 -21.47 21.55
CA THR B 414 50.06 -22.75 21.72
C THR B 414 51.02 -22.74 22.90
N LYS B 415 51.13 -21.64 23.63
CA LYS B 415 52.02 -21.60 24.80
C LYS B 415 51.55 -22.62 25.83
N LYS B 416 52.53 -23.22 26.53
CA LYS B 416 52.21 -24.26 27.49
C LYS B 416 51.32 -23.73 28.60
N GLN B 417 51.58 -22.51 29.06
CA GLN B 417 50.77 -21.91 30.12
C GLN B 417 49.35 -21.58 29.66
N ALA B 418 49.12 -21.49 28.35
CA ALA B 418 47.83 -21.09 27.82
C ALA B 418 47.23 -22.08 26.83
N LEU B 419 47.82 -23.27 26.69
CA LEU B 419 47.32 -24.23 25.72
C LEU B 419 45.93 -24.73 26.08
N ALA B 420 45.61 -24.81 27.38
CA ALA B 420 44.34 -25.38 27.79
C ALA B 420 43.16 -24.57 27.28
N GLU B 421 43.26 -23.24 27.29
CA GLU B 421 42.15 -22.39 26.91
C GLU B 421 41.91 -22.38 25.41
N HIS B 422 42.89 -22.78 24.60
CA HIS B 422 42.78 -22.68 23.15
C HIS B 422 42.81 -24.02 22.41
N GLU B 423 43.06 -25.13 23.11
CA GLU B 423 43.19 -26.41 22.40
C GLU B 423 41.86 -26.89 21.83
N ASP B 424 40.73 -26.51 22.44
CA ASP B 424 39.44 -27.02 22.00
C ASP B 424 39.06 -26.51 20.61
N GLU B 425 39.52 -25.30 20.26
CA GLU B 425 39.24 -24.74 18.94
C GLU B 425 40.31 -25.10 17.92
N LEU B 426 41.33 -25.84 18.31
CA LEU B 426 42.33 -26.29 17.35
C LEU B 426 41.76 -27.43 16.50
N PRO B 427 41.85 -27.36 15.18
CA PRO B 427 41.29 -28.42 14.33
C PRO B 427 42.00 -29.75 14.54
N GLU B 428 41.39 -30.80 14.02
CA GLU B 428 41.94 -32.14 14.13
C GLU B 428 43.12 -32.31 13.19
N HIS B 429 44.02 -33.23 13.57
CA HIS B 429 45.23 -33.54 12.80
C HIS B 429 46.05 -32.28 12.56
N PHE B 430 46.21 -31.47 13.61
CA PHE B 430 46.90 -30.19 13.52
C PHE B 430 48.05 -30.19 14.51
N LYS B 431 49.26 -29.97 13.99
CA LYS B 431 50.46 -29.81 14.81
C LYS B 431 50.85 -28.34 14.78
N PRO B 432 50.39 -27.54 15.74
CA PRO B 432 50.64 -26.08 15.66
C PRO B 432 52.11 -25.71 15.69
N SER B 433 52.95 -26.44 16.42
CA SER B 433 54.37 -26.09 16.49
C SER B 433 55.04 -26.19 15.12
N GLN B 434 54.71 -27.23 14.36
CA GLN B 434 55.27 -27.37 13.02
C GLN B 434 54.77 -26.25 12.11
N LEU B 435 53.48 -25.92 12.19
CA LEU B 435 52.94 -24.84 11.36
C LEU B 435 53.57 -23.51 11.69
N ILE B 436 53.79 -23.23 12.99
CA ILE B 436 54.39 -21.97 13.40
C ILE B 436 55.80 -21.85 12.83
N LYS B 437 56.59 -22.92 12.93
CA LYS B 437 57.94 -22.90 12.39
C LYS B 437 57.94 -22.74 10.88
N ASP B 438 57.05 -23.47 10.19
CA ASP B 438 57.00 -23.37 8.74
C ASP B 438 56.54 -21.99 8.29
N LEU B 439 55.53 -21.43 8.95
CA LEU B 439 55.06 -20.09 8.59
C LEU B 439 56.13 -19.05 8.86
N ALA B 440 56.84 -19.18 9.98
CA ALA B 440 57.89 -18.20 10.31
C ALA B 440 59.00 -18.21 9.27
N LYS B 441 59.41 -19.39 8.82
CA LYS B 441 60.45 -19.47 7.80
C LYS B 441 59.98 -18.89 6.48
N GLU B 442 58.74 -19.18 6.08
CA GLU B 442 58.21 -18.64 4.83
C GLU B 442 58.09 -17.13 4.89
N ILE B 443 57.63 -16.59 6.02
CA ILE B 443 57.54 -15.15 6.18
C ILE B 443 58.93 -14.52 6.12
N ARG B 444 59.91 -15.15 6.78
CA ARG B 444 61.27 -14.64 6.74
C ARG B 444 61.83 -14.65 5.33
N LEU B 445 61.59 -15.72 4.58
CA LEU B 445 62.06 -15.79 3.21
C LEU B 445 61.41 -14.72 2.33
N SER B 446 60.09 -14.55 2.47
CA SER B 446 59.40 -13.57 1.64
C SER B 446 59.71 -12.14 2.07
N GLU B 447 60.05 -11.93 3.35
CA GLU B 447 60.41 -10.60 3.81
C GLU B 447 61.71 -10.11 3.20
N ASN B 448 62.56 -11.01 2.69
CA ASN B 448 63.78 -10.62 2.00
C ASN B 448 63.47 -10.29 0.54
N ALA B 449 62.60 -9.29 0.36
CA ALA B 449 62.19 -8.79 -0.95
C ALA B 449 62.46 -7.28 -0.97
N SER B 450 63.69 -6.92 -1.32
CA SER B 450 64.05 -5.51 -1.48
C SER B 450 63.82 -5.07 -2.93
N LYS B 451 64.46 -5.77 -3.87
CA LYS B 451 64.20 -5.61 -5.30
C LYS B 451 64.47 -4.19 -5.80
N ALA B 452 64.09 -3.93 -7.04
CA ALA B 452 64.29 -2.63 -7.68
C ALA B 452 63.37 -2.55 -8.89
N VAL B 453 63.58 -1.52 -9.72
CA VAL B 453 62.79 -1.35 -10.93
C VAL B 453 63.67 -1.51 -12.17
N PRO C 1 4.07 17.64 -15.16
CA PRO C 1 4.37 16.31 -14.59
C PRO C 1 3.26 15.82 -13.66
N ARG C 2 2.62 14.72 -14.03
CA ARG C 2 1.59 14.14 -13.17
C ARG C 2 2.23 13.48 -11.97
N VAL C 3 1.69 13.75 -10.79
CA VAL C 3 2.26 13.23 -9.56
C VAL C 3 1.21 12.54 -8.69
N M3L C 4 1.68 11.70 -7.78
CA M3L C 4 0.85 11.08 -6.79
CB M3L C 4 0.75 9.56 -6.97
CG M3L C 4 -0.16 9.19 -8.12
CD M3L C 4 -0.35 7.69 -8.14
CE M3L C 4 -0.91 7.26 -9.50
NZ M3L C 4 -1.05 5.78 -9.74
C M3L C 4 1.39 11.36 -5.39
O M3L C 4 2.47 10.94 -4.98
CM1 M3L C 4 -1.94 5.14 -8.73
CM2 M3L C 4 0.28 5.10 -9.71
CM3 M3L C 4 -1.64 5.58 -11.10
N ALA C 5 0.60 12.11 -4.62
CA ALA C 5 1.00 12.51 -3.28
C ALA C 5 1.00 11.32 -2.32
N ALA C 6 1.51 11.55 -1.11
CA ALA C 6 1.57 10.53 -0.08
C ALA C 6 0.43 10.73 0.91
N GLN C 7 0.39 9.87 1.92
CA GLN C 7 -0.64 9.93 2.94
C GLN C 7 -0.13 9.41 4.28
N PRO D 1 -5.48 -10.18 20.13
CA PRO D 1 -4.93 -11.17 19.19
C PRO D 1 -3.75 -10.62 18.40
N ARG D 2 -3.56 -11.12 17.18
CA ARG D 2 -2.54 -10.61 16.28
C ARG D 2 -3.17 -9.58 15.35
N VAL D 3 -2.56 -8.41 15.27
CA VAL D 3 -3.20 -7.25 14.66
C VAL D 3 -2.19 -6.39 13.89
N M3L D 4 -2.58 -5.94 12.71
CA M3L D 4 -1.80 -4.99 11.95
CB M3L D 4 -1.66 -5.40 10.48
CG M3L D 4 -0.74 -6.59 10.34
CD M3L D 4 -0.32 -6.75 8.89
CE M3L D 4 0.12 -8.19 8.67
NZ M3L D 4 0.19 -8.67 7.23
C M3L D 4 -2.41 -3.59 12.01
O M3L D 4 -3.50 -3.30 11.50
CM1 M3L D 4 1.06 -7.77 6.40
CM2 M3L D 4 -1.17 -8.75 6.62
CM3 M3L D 4 0.80 -10.03 7.24
N ALA D 5 -1.66 -2.69 12.64
CA ALA D 5 -2.14 -1.33 12.88
C ALA D 5 -2.05 -0.45 11.63
N ALA D 6 -2.91 0.56 11.57
CA ALA D 6 -2.87 1.51 10.47
C ALA D 6 -1.67 2.44 10.60
N GLN D 7 -1.29 3.06 9.48
CA GLN D 7 -0.13 3.94 9.43
C GLN D 7 -0.31 5.12 10.37
N ALA D 8 0.51 5.18 11.42
CA ALA D 8 0.42 6.25 12.41
C ALA D 8 1.43 7.35 12.12
ZN ZN E . 10.36 6.88 -18.86
ZN ZN F . 10.42 2.55 -6.82
S SO4 G . 9.50 7.40 0.72
O1 SO4 G . 8.70 8.60 0.96
O2 SO4 G . 8.87 6.25 1.38
O3 SO4 G . 10.84 7.60 1.25
O4 SO4 G . 9.58 7.14 -0.71
S SO4 H . -5.47 7.59 -7.73
O1 SO4 H . -6.91 7.47 -7.91
O2 SO4 H . -5.02 6.56 -6.80
O3 SO4 H . -5.14 8.90 -7.19
O4 SO4 H . -4.81 7.41 -9.02
S SO4 I . -22.01 -11.24 -8.00
O1 SO4 I . -23.40 -11.52 -8.39
O2 SO4 I . -21.63 -12.16 -6.92
O3 SO4 I . -21.89 -9.86 -7.54
O4 SO4 I . -21.13 -11.46 -9.15
S SO4 J . -50.06 -2.19 -5.48
O1 SO4 J . -51.33 -1.56 -5.13
O2 SO4 J . -50.28 -3.14 -6.56
O3 SO4 J . -49.51 -2.88 -4.31
O4 SO4 J . -49.12 -1.15 -5.91
S SO4 K . -4.68 24.34 -10.49
O1 SO4 K . -5.93 24.67 -9.81
O2 SO4 K . -4.58 22.89 -10.63
O3 SO4 K . -3.55 24.83 -9.72
O4 SO4 K . -4.67 24.96 -11.82
S SO4 L . -28.69 27.20 -14.36
O1 SO4 L . -30.11 27.54 -14.50
O2 SO4 L . -28.47 26.61 -13.04
O3 SO4 L . -27.88 28.40 -14.50
O4 SO4 L . -28.32 26.24 -15.39
S SO4 M . -19.68 0.75 7.72
O1 SO4 M . -19.71 1.07 9.14
O2 SO4 M . -20.39 -0.51 7.50
O3 SO4 M . -20.32 1.81 6.96
O4 SO4 M . -18.29 0.61 7.29
S SO4 N . -4.32 0.07 -23.65
O1 SO4 N . -4.97 -1.22 -23.84
O2 SO4 N . -5.31 1.14 -23.66
O3 SO4 N . -3.63 0.07 -22.35
O4 SO4 N . -3.35 0.30 -24.71
S SO4 O . -23.44 -4.79 7.50
O1 SO4 O . -24.80 -5.21 7.20
O2 SO4 O . -23.22 -4.83 8.94
O3 SO4 O . -23.24 -3.43 7.01
O4 SO4 O . -22.50 -5.69 6.84
S SO4 P . 1.77 21.67 -11.09
O1 SO4 P . 0.31 21.69 -11.15
O2 SO4 P . 2.24 20.41 -10.51
O3 SO4 P . 2.24 22.79 -10.29
O4 SO4 P . 2.30 21.80 -12.45
ZN ZN Q . -10.99 -17.62 9.90
ZN ZN R . -11.14 -6.52 3.48
C1 EDO S . 5.46 -12.25 -11.93
O1 EDO S . 5.12 -12.97 -10.74
C2 EDO S . 4.48 -12.60 -13.04
O2 EDO S . 3.15 -12.24 -12.63
S SO4 T . -10.32 1.68 6.84
O1 SO4 T . -10.19 0.23 6.88
O2 SO4 T . -11.36 2.11 7.77
O3 SO4 T . -10.67 2.11 5.49
O4 SO4 T . -9.05 2.28 7.22
S SO4 U . 21.74 -9.88 -9.23
O1 SO4 U . 21.63 -9.34 -7.88
O2 SO4 U . 20.57 -10.71 -9.52
O3 SO4 U . 21.81 -8.79 -10.20
O4 SO4 U . 22.94 -10.70 -9.34
S SO4 V . 28.11 -26.99 9.07
O1 SO4 V . 27.47 -26.76 7.77
O2 SO4 V . 27.78 -28.33 9.53
O3 SO4 V . 27.63 -26.00 10.03
O4 SO4 V . 29.56 -26.87 8.93
S SO4 W . 48.94 -5.10 -0.54
O1 SO4 W . 47.57 -4.76 -0.16
O2 SO4 W . 49.23 -6.47 -0.10
O3 SO4 W . 49.87 -4.18 0.10
O4 SO4 W . 49.08 -5.02 -1.99
S SO4 X . 45.32 4.71 13.83
O1 SO4 X . 44.98 4.09 15.11
O2 SO4 X . 44.60 4.03 12.75
O3 SO4 X . 46.75 4.60 13.60
O4 SO4 X . 44.93 6.12 13.85
S SO4 Y . 18.88 8.14 -0.16
O1 SO4 Y . 17.51 8.63 -0.06
O2 SO4 Y . 18.89 6.84 -0.83
O3 SO4 Y . 19.43 8.00 1.19
O4 SO4 Y . 19.68 9.09 -0.92
C1 EDO Z . 14.38 -15.68 30.59
O1 EDO Z . 14.64 -17.06 30.36
C2 EDO Z . 15.56 -15.04 31.30
O2 EDO Z . 16.75 -15.26 30.55
S SO4 AA . 3.33 -5.39 25.82
O1 SO4 AA . 3.02 -6.55 25.00
O2 SO4 AA . 2.81 -5.59 27.17
O3 SO4 AA . 2.74 -4.20 25.24
O4 SO4 AA . 4.79 -5.23 25.89
S SO4 BA . 37.76 10.43 12.33
O1 SO4 BA . 37.99 9.75 13.60
O2 SO4 BA . 36.82 9.66 11.52
O3 SO4 BA . 39.02 10.57 11.61
O4 SO4 BA . 37.20 11.76 12.58
S SO4 CA . 40.09 -13.78 0.65
O1 SO4 CA . 39.42 -14.74 -0.25
O2 SO4 CA . 39.19 -13.43 1.74
O3 SO4 CA . 41.29 -14.40 1.20
O4 SO4 CA . 40.45 -12.59 -0.11
S SO4 DA . 4.57 -5.97 9.07
O1 SO4 DA . 4.26 -7.37 8.78
O2 SO4 DA . 4.13 -5.66 10.43
O3 SO4 DA . 3.87 -5.11 8.12
O4 SO4 DA . 6.00 -5.75 8.95
#